data_4HFJ
#
_entry.id   4HFJ
#
_cell.length_a   88.570
_cell.length_b   148.740
_cell.length_c   67.730
_cell.angle_alpha   90.00
_cell.angle_beta   115.59
_cell.angle_gamma   90.00
#
_symmetry.space_group_name_H-M   'C 1 2 1'
#
loop_
_entity.id
_entity.type
_entity.pdbx_description
1 polymer 'Allyl alcohol dehydrogenase'
2 water water
#
_entity_poly.entity_id   1
_entity_poly.type   'polypeptide(L)'
_entity_poly.pdbx_seq_one_letter_code
;MAEEVSNKQVILKNYVTGYPKESDMEIKNVTIKLKVPEGSNDVVVKNLYLSCDPYMRSRMRKIEGSYVESFAPGSPITGY
GVAKVLESGDPKFQKGDLVWGMTGWEEYSIITPTQTLFKIHDKDVPLSYYTGILGMPGMTAYAGFHEVCSPKKGETVFVS
AASGAVGQLVGQFAKMLGCYVVGSAGSKEKVDLLKSKFGFDEAFNYKEEQDLSAALKRYFPDGIDIYFENVGGKMLDAVL
VNMKLYGRIAVCGMISQYNLEQTEGVHNLFCLITKRIRMEGFLVFDYYHLYPKYLEMVIPQIKAGKVVYVEDVAHGLESA
PTALVGLFSGRNIGKQVVMVSRELEHHHHHH
;
_entity_poly.pdbx_strand_id   A,B
#
# COMPACT_ATOMS: atom_id res chain seq x y z
N ALA A 2 -8.28 6.47 -53.40
CA ALA A 2 -7.74 7.13 -52.19
C ALA A 2 -6.28 7.42 -52.46
N GLU A 3 -5.73 8.40 -51.72
CA GLU A 3 -4.30 8.70 -51.78
C GLU A 3 -3.60 7.48 -51.25
N GLU A 4 -2.48 7.14 -51.88
CA GLU A 4 -1.64 6.07 -51.47
C GLU A 4 -0.27 6.69 -51.31
N VAL A 5 0.35 6.45 -50.17
CA VAL A 5 1.59 7.15 -49.85
C VAL A 5 2.53 6.15 -49.22
N SER A 6 3.83 6.42 -49.27
CA SER A 6 4.78 5.59 -48.61
C SER A 6 4.67 5.97 -47.14
N ASN A 7 4.88 4.98 -46.27
CA ASN A 7 4.66 5.10 -44.84
C ASN A 7 5.84 4.45 -44.13
N LYS A 8 6.73 5.27 -43.59
CA LYS A 8 7.81 4.72 -42.76
C LYS A 8 7.27 4.34 -41.41
N GLN A 9 7.79 3.22 -40.90
CA GLN A 9 7.34 2.64 -39.66
C GLN A 9 8.54 2.24 -38.79
N VAL A 10 8.42 2.37 -37.46
CA VAL A 10 9.41 1.82 -36.54
C VAL A 10 8.86 0.49 -36.04
N ILE A 11 9.53 -0.61 -36.40
CA ILE A 11 9.06 -1.96 -36.14
C ILE A 11 9.82 -2.52 -34.92
N LEU A 12 9.12 -3.20 -34.03
CA LEU A 12 9.85 -3.99 -33.01
C LEU A 12 10.40 -5.27 -33.64
N LYS A 13 11.72 -5.40 -33.65
CA LYS A 13 12.38 -6.50 -34.38
C LYS A 13 12.35 -7.78 -33.50
N ASN A 14 12.63 -7.65 -32.20
CA ASN A 14 12.54 -8.78 -31.25
C ASN A 14 12.10 -8.34 -29.84
N TYR A 15 11.59 -9.27 -29.04
CA TYR A 15 11.40 -9.05 -27.62
C TYR A 15 12.76 -8.71 -27.03
N VAL A 16 12.76 -7.99 -25.91
CA VAL A 16 14.01 -7.43 -25.37
C VAL A 16 14.44 -8.13 -24.09
N THR A 17 15.74 -8.42 -23.98
CA THR A 17 16.31 -9.01 -22.78
C THR A 17 16.53 -8.01 -21.64
N GLY A 18 17.50 -7.12 -21.80
CA GLY A 18 17.90 -6.26 -20.68
C GLY A 18 17.54 -4.80 -20.86
N TYR A 19 18.56 -3.95 -21.07
CA TYR A 19 18.26 -2.62 -21.57
C TYR A 19 18.01 -2.77 -23.09
N PRO A 20 17.02 -2.06 -23.64
CA PRO A 20 16.84 -2.12 -25.10
C PRO A 20 18.01 -1.46 -25.81
N LYS A 21 18.26 -1.91 -27.05
CA LYS A 21 19.27 -1.31 -27.89
C LYS A 21 18.59 -0.88 -29.18
N GLU A 22 19.26 -0.05 -29.96
CA GLU A 22 18.70 0.47 -31.21
C GLU A 22 18.36 -0.65 -32.19
N SER A 23 19.15 -1.73 -32.14
CA SER A 23 19.02 -2.85 -33.08
C SER A 23 17.85 -3.79 -32.75
N ASP A 24 17.13 -3.50 -31.67
CA ASP A 24 15.90 -4.19 -31.30
C ASP A 24 14.72 -3.64 -32.14
N MET A 25 14.99 -2.60 -32.94
CA MET A 25 14.02 -1.92 -33.79
C MET A 25 14.64 -1.66 -35.16
N GLU A 26 13.78 -1.47 -36.15
CA GLU A 26 14.20 -1.16 -37.53
C GLU A 26 13.16 -0.26 -38.19
N ILE A 27 13.57 0.48 -39.21
CA ILE A 27 12.66 1.28 -40.05
C ILE A 27 12.24 0.46 -41.27
N LYS A 28 10.94 0.31 -41.47
CA LYS A 28 10.38 -0.30 -42.65
C LYS A 28 9.56 0.75 -43.42
N ASN A 29 9.46 0.57 -44.73
CA ASN A 29 8.71 1.49 -45.59
C ASN A 29 7.64 0.68 -46.28
N VAL A 30 6.38 1.02 -46.04
CA VAL A 30 5.25 0.36 -46.71
C VAL A 30 4.38 1.41 -47.45
N THR A 31 3.51 0.95 -48.35
CA THR A 31 2.53 1.79 -49.00
C THR A 31 1.24 1.70 -48.21
N ILE A 32 0.63 2.85 -47.91
CA ILE A 32 -0.66 2.85 -47.20
C ILE A 32 -1.73 3.56 -48.01
N LYS A 33 -2.94 2.98 -48.02
CA LYS A 33 -4.10 3.61 -48.58
C LYS A 33 -4.75 4.48 -47.49
N LEU A 34 -4.78 5.80 -47.72
CA LEU A 34 -5.35 6.78 -46.77
C LEU A 34 -6.88 6.79 -46.81
N LYS A 35 -7.48 5.69 -46.33
CA LYS A 35 -8.91 5.46 -46.48
C LYS A 35 -9.49 4.77 -45.26
N VAL A 36 -10.65 5.25 -44.79
CA VAL A 36 -11.40 4.58 -43.73
C VAL A 36 -11.86 3.20 -44.26
N PRO A 37 -11.46 2.11 -43.59
CA PRO A 37 -11.99 0.78 -43.95
C PRO A 37 -13.52 0.82 -44.09
N GLU A 38 -14.05 0.43 -45.25
CA GLU A 38 -15.47 0.62 -45.62
C GLU A 38 -16.54 0.43 -44.53
N GLY A 39 -16.37 -0.58 -43.68
CA GLY A 39 -17.36 -0.83 -42.63
C GLY A 39 -17.27 0.02 -41.37
N SER A 40 -16.08 0.58 -41.11
CA SER A 40 -15.67 1.02 -39.79
C SER A 40 -16.01 2.45 -39.45
N ASN A 41 -15.89 2.76 -38.17
CA ASN A 41 -15.84 4.14 -37.70
C ASN A 41 -14.37 4.54 -37.41
N ASP A 42 -13.42 3.99 -38.16
CA ASP A 42 -12.00 4.35 -38.00
C ASP A 42 -11.64 5.78 -38.39
N VAL A 43 -10.51 6.24 -37.88
CA VAL A 43 -9.99 7.54 -38.25
C VAL A 43 -8.61 7.32 -38.91
N VAL A 44 -8.40 7.99 -40.05
CA VAL A 44 -7.07 7.99 -40.68
C VAL A 44 -6.28 9.22 -40.26
N VAL A 45 -5.07 9.03 -39.74
CA VAL A 45 -4.32 10.17 -39.21
C VAL A 45 -2.93 10.29 -39.77
N LYS A 46 -2.45 11.51 -39.80
CA LYS A 46 -1.05 11.76 -40.03
C LYS A 46 -0.41 12.03 -38.69
N ASN A 47 0.59 11.26 -38.32
CA ASN A 47 1.25 11.47 -37.05
C ASN A 47 2.26 12.60 -37.06
N LEU A 48 2.20 13.44 -36.05
CA LEU A 48 3.07 14.64 -35.96
C LEU A 48 4.10 14.48 -34.84
N TYR A 49 3.68 14.01 -33.64
CA TYR A 49 4.64 13.77 -32.53
C TYR A 49 4.38 12.44 -31.88
N LEU A 50 5.42 11.79 -31.38
CA LEU A 50 5.29 10.56 -30.60
C LEU A 50 5.99 10.70 -29.27
N SER A 51 5.35 10.21 -28.22
CA SER A 51 5.94 10.22 -26.91
C SER A 51 6.86 9.04 -26.74
N CYS A 52 7.97 9.24 -26.01
CA CYS A 52 8.79 8.10 -25.53
C CYS A 52 8.54 8.02 -24.03
N ASP A 53 7.88 6.97 -23.58
CA ASP A 53 7.42 6.84 -22.19
C ASP A 53 8.04 5.58 -21.61
N PRO A 54 8.51 5.68 -20.37
CA PRO A 54 9.21 4.56 -19.69
C PRO A 54 8.37 3.28 -19.61
N TYR A 55 7.04 3.37 -19.49
CA TYR A 55 6.19 2.13 -19.39
C TYR A 55 6.34 1.27 -20.65
N MET A 56 6.72 1.89 -21.78
CA MET A 56 6.90 1.17 -23.05
C MET A 56 7.94 0.05 -22.95
N ARG A 57 8.91 0.24 -22.06
CA ARG A 57 9.99 -0.73 -21.91
C ARG A 57 9.44 -2.11 -21.53
N SER A 58 8.41 -2.14 -20.68
CA SER A 58 7.79 -3.39 -20.26
CA SER A 58 7.84 -3.42 -20.28
C SER A 58 7.10 -4.07 -21.45
N ARG A 59 6.46 -3.25 -22.31
CA ARG A 59 5.74 -3.80 -23.46
C ARG A 59 6.67 -4.52 -24.45
N MET A 60 7.97 -4.44 -24.20
CA MET A 60 8.98 -5.01 -25.08
C MET A 60 9.43 -6.42 -24.68
N ARG A 61 8.71 -7.05 -23.75
CA ARG A 61 9.02 -8.40 -23.28
C ARG A 61 7.75 -9.26 -23.25
N LYS A 62 7.91 -10.56 -23.52
CA LYS A 62 6.76 -11.49 -23.49
C LYS A 62 6.61 -12.11 -22.11
N GLU A 69 -1.46 -6.64 -25.21
CA GLU A 69 -0.80 -5.74 -24.26
C GLU A 69 0.67 -5.53 -24.66
N SER A 70 1.46 -6.60 -24.74
CA SER A 70 2.85 -6.51 -25.24
C SER A 70 2.86 -6.08 -26.72
N PHE A 71 3.96 -5.48 -27.21
CA PHE A 71 4.14 -5.21 -28.65
C PHE A 71 4.36 -6.53 -29.38
N ALA A 72 4.01 -6.59 -30.67
CA ALA A 72 4.34 -7.79 -31.45
C ALA A 72 5.54 -7.55 -32.35
N PRO A 73 6.58 -8.40 -32.22
CA PRO A 73 7.70 -8.45 -33.16
C PRO A 73 7.16 -8.41 -34.59
N GLY A 74 7.81 -7.66 -35.47
CA GLY A 74 7.33 -7.50 -36.82
C GLY A 74 6.31 -6.39 -37.08
N SER A 75 5.75 -5.81 -36.01
CA SER A 75 4.71 -4.77 -36.13
C SER A 75 5.23 -3.41 -35.61
N PRO A 76 4.58 -2.29 -36.03
CA PRO A 76 5.02 -0.99 -35.51
C PRO A 76 4.88 -0.97 -33.98
N ILE A 77 5.84 -0.33 -33.34
CA ILE A 77 5.67 0.16 -31.96
C ILE A 77 4.42 1.07 -31.94
N THR A 78 3.72 1.12 -30.80
CA THR A 78 2.58 2.01 -30.65
C THR A 78 2.76 2.75 -29.30
N GLY A 79 2.08 3.89 -29.15
CA GLY A 79 2.12 4.64 -27.88
C GLY A 79 1.41 5.94 -28.08
N TYR A 80 1.51 6.86 -27.11
CA TYR A 80 0.84 8.14 -27.24
C TYR A 80 1.49 9.06 -28.24
N GLY A 81 0.66 9.78 -28.97
CA GLY A 81 1.21 10.74 -29.91
C GLY A 81 0.19 11.83 -30.19
N VAL A 82 0.54 12.70 -31.12
CA VAL A 82 -0.28 13.82 -31.52
C VAL A 82 -0.35 13.68 -33.04
N ALA A 83 -1.55 13.81 -33.60
CA ALA A 83 -1.78 13.49 -35.01
C ALA A 83 -2.85 14.42 -35.60
N LYS A 84 -2.85 14.54 -36.91
CA LYS A 84 -3.88 15.33 -37.60
C LYS A 84 -4.81 14.38 -38.35
N VAL A 85 -6.12 14.58 -38.21
CA VAL A 85 -7.10 13.75 -38.93
C VAL A 85 -7.10 13.99 -40.44
N LEU A 86 -6.93 12.93 -41.23
CA LEU A 86 -7.02 13.07 -42.69
C LEU A 86 -8.39 12.62 -43.17
N GLU A 87 -8.90 11.52 -42.63
CA GLU A 87 -10.23 11.06 -43.04
C GLU A 87 -10.87 10.44 -41.83
N SER A 88 -12.20 10.46 -41.77
CA SER A 88 -12.88 9.95 -40.59
C SER A 88 -14.24 9.27 -40.87
N GLY A 89 -14.46 8.15 -40.19
CA GLY A 89 -15.74 7.43 -40.31
C GLY A 89 -16.50 7.61 -39.02
N ASP A 90 -15.99 8.54 -38.20
CA ASP A 90 -16.55 8.88 -36.90
C ASP A 90 -16.98 10.35 -36.87
N PRO A 91 -18.29 10.63 -36.67
CA PRO A 91 -18.83 12.00 -36.69
C PRO A 91 -18.14 12.91 -35.69
N LYS A 92 -17.63 12.33 -34.59
CA LYS A 92 -16.90 13.10 -33.60
C LYS A 92 -15.63 13.80 -34.16
N PHE A 93 -15.09 13.27 -35.27
CA PHE A 93 -13.78 13.73 -35.77
C PHE A 93 -13.85 14.11 -37.22
N GLN A 94 -13.35 15.26 -37.53
CA GLN A 94 -13.42 15.84 -38.84
C GLN A 94 -12.04 15.99 -39.46
N LYS A 95 -11.93 15.85 -40.76
CA LYS A 95 -10.69 16.17 -41.47
C LYS A 95 -10.15 17.52 -41.01
N GLY A 96 -8.85 17.57 -40.76
CA GLY A 96 -8.24 18.76 -40.17
C GLY A 96 -8.14 18.87 -38.65
N ASP A 97 -8.92 18.05 -37.89
CA ASP A 97 -8.80 18.05 -36.42
C ASP A 97 -7.43 17.63 -35.94
N LEU A 98 -6.98 18.20 -34.81
CA LEU A 98 -5.75 17.73 -34.14
C LEU A 98 -6.18 16.85 -32.96
N VAL A 99 -5.54 15.69 -32.83
CA VAL A 99 -5.94 14.79 -31.71
C VAL A 99 -4.73 14.27 -30.94
N TRP A 100 -4.94 13.71 -29.74
CA TRP A 100 -3.85 13.00 -29.12
C TRP A 100 -4.44 11.76 -28.51
N GLY A 101 -3.61 10.72 -28.45
CA GLY A 101 -4.08 9.42 -27.98
C GLY A 101 -3.13 8.37 -28.50
N MET A 102 -3.53 7.11 -28.38
CA MET A 102 -2.67 6.01 -28.78
C MET A 102 -2.59 5.99 -30.33
N THR A 103 -1.38 5.82 -30.88
CA THR A 103 -1.25 5.78 -32.34
C THR A 103 -0.03 4.92 -32.70
N GLY A 104 0.24 4.78 -33.99
CA GLY A 104 1.40 3.96 -34.41
C GLY A 104 2.66 4.75 -34.64
N TRP A 105 3.82 4.11 -34.47
CA TRP A 105 5.11 4.74 -34.68
C TRP A 105 5.39 4.66 -36.17
N GLU A 106 4.74 5.56 -36.90
CA GLU A 106 4.72 5.52 -38.34
C GLU A 106 4.26 6.87 -38.81
N GLU A 107 4.39 7.14 -40.10
CA GLU A 107 3.96 8.42 -40.58
C GLU A 107 2.44 8.56 -40.58
N TYR A 108 1.71 7.48 -40.85
CA TYR A 108 0.24 7.54 -40.94
C TYR A 108 -0.36 6.33 -40.25
N SER A 109 -1.46 6.51 -39.50
CA SER A 109 -2.02 5.39 -38.74
C SER A 109 -3.51 5.33 -38.98
N ILE A 110 -4.05 4.13 -38.88
CA ILE A 110 -5.50 3.95 -38.93
C ILE A 110 -5.92 3.59 -37.51
N ILE A 111 -6.73 4.42 -36.88
CA ILE A 111 -7.05 4.28 -35.50
C ILE A 111 -8.54 3.96 -35.32
N THR A 112 -8.88 3.07 -34.38
N THR A 112 -8.78 2.90 -34.54
CA THR A 112 -10.29 3.01 -33.92
CA THR A 112 -10.11 2.30 -34.42
C THR A 112 -10.52 3.87 -32.66
C THR A 112 -10.87 2.87 -33.22
N PRO A 113 -11.33 4.91 -32.79
N PRO A 113 -12.20 2.64 -33.18
CA PRO A 113 -11.48 5.89 -31.68
CA PRO A 113 -12.89 3.02 -31.96
C PRO A 113 -11.93 5.24 -30.36
C PRO A 113 -12.64 1.97 -30.88
N LEU A 117 -8.88 8.87 -27.37
CA LEU A 117 -8.64 9.86 -28.45
C LEU A 117 -9.27 11.20 -28.13
N PHE A 118 -8.43 12.20 -27.90
CA PHE A 118 -8.86 13.51 -27.44
C PHE A 118 -8.65 14.54 -28.52
N LYS A 119 -9.62 15.43 -28.73
CA LYS A 119 -9.45 16.46 -29.75
C LYS A 119 -8.70 17.63 -29.13
N ILE A 120 -7.71 18.16 -29.85
CA ILE A 120 -7.01 19.31 -29.33
C ILE A 120 -7.69 20.64 -29.77
N HIS A 121 -7.91 21.56 -28.84
CA HIS A 121 -8.63 22.79 -29.11
C HIS A 121 -7.70 23.99 -29.04
N ASP A 122 -6.71 23.92 -28.17
CA ASP A 122 -5.83 25.06 -27.97
C ASP A 122 -4.47 24.75 -28.61
N LYS A 123 -4.17 25.50 -29.67
CA LYS A 123 -2.83 25.47 -30.29
C LYS A 123 -1.99 26.76 -30.04
N ASP A 124 -2.44 27.58 -29.08
CA ASP A 124 -1.59 28.62 -28.50
C ASP A 124 -0.51 28.06 -27.53
N VAL A 125 -0.36 26.75 -27.50
CA VAL A 125 0.72 26.10 -26.78
C VAL A 125 1.44 25.21 -27.78
N PRO A 126 2.67 24.78 -27.47
CA PRO A 126 3.35 23.91 -28.43
C PRO A 126 2.60 22.57 -28.57
N LEU A 127 2.42 22.07 -29.79
CA LEU A 127 1.70 20.80 -29.96
C LEU A 127 2.38 19.64 -29.28
N SER A 128 3.71 19.63 -29.27
CA SER A 128 4.43 18.59 -28.55
C SER A 128 3.98 18.45 -27.08
N TYR A 129 3.48 19.52 -26.49
CA TYR A 129 2.99 19.49 -25.08
C TYR A 129 1.90 18.43 -24.86
N TYR A 130 1.16 18.11 -25.90
CA TYR A 130 0.11 17.06 -25.78
C TYR A 130 0.63 15.62 -25.73
N THR A 131 1.96 15.45 -25.77
CA THR A 131 2.55 14.15 -25.37
C THR A 131 3.04 14.13 -23.91
N GLY A 132 2.98 15.28 -23.22
CA GLY A 132 3.60 15.32 -21.90
C GLY A 132 2.72 16.08 -20.92
N ILE A 133 3.10 17.33 -20.71
CA ILE A 133 2.40 18.19 -19.74
C ILE A 133 0.89 18.28 -19.96
N LEU A 134 0.45 18.36 -21.22
CA LEU A 134 -0.98 18.36 -21.53
C LEU A 134 -1.55 17.00 -21.96
N GLY A 135 -0.76 15.94 -21.90
CA GLY A 135 -1.28 14.63 -22.27
C GLY A 135 -1.25 13.69 -21.09
N MET A 136 -0.90 12.43 -21.35
CA MET A 136 -0.98 11.39 -20.34
CA MET A 136 -1.00 11.39 -20.31
C MET A 136 -0.05 11.66 -19.12
N PRO A 137 1.20 12.15 -19.36
CA PRO A 137 2.07 12.33 -18.16
C PRO A 137 1.59 13.41 -17.26
N GLY A 138 1.03 14.47 -17.86
CA GLY A 138 0.56 15.61 -17.06
C GLY A 138 -0.67 15.20 -16.28
N MET A 139 -1.60 14.49 -16.96
CA MET A 139 -2.83 13.98 -16.30
C MET A 139 -2.45 12.99 -15.13
N THR A 140 -1.39 12.19 -15.32
CA THR A 140 -0.90 11.26 -14.29
C THR A 140 -0.40 12.03 -13.04
N ALA A 141 0.39 13.08 -13.28
CA ALA A 141 0.94 13.89 -12.19
C ALA A 141 -0.19 14.54 -11.42
N TYR A 142 -1.15 15.04 -12.18
CA TYR A 142 -2.29 15.74 -11.60
C TYR A 142 -3.13 14.78 -10.75
N ALA A 143 -3.56 13.66 -11.37
CA ALA A 143 -4.46 12.73 -10.66
C ALA A 143 -3.71 12.10 -9.47
N GLY A 144 -2.47 11.70 -9.69
CA GLY A 144 -1.65 11.08 -8.63
C GLY A 144 -1.45 12.04 -7.44
N PHE A 145 -1.05 13.29 -7.72
CA PHE A 145 -0.74 14.20 -6.61
C PHE A 145 -2.03 14.77 -6.02
N HIS A 146 -2.92 15.25 -6.90
CA HIS A 146 -4.05 16.07 -6.44
C HIS A 146 -5.09 15.18 -5.81
N GLU A 147 -5.24 13.98 -6.34
CA GLU A 147 -6.28 13.10 -5.86
C GLU A 147 -5.70 12.04 -4.93
N VAL A 148 -4.81 11.20 -5.43
CA VAL A 148 -4.37 10.04 -4.63
C VAL A 148 -3.59 10.44 -3.36
N CYS A 149 -2.85 11.53 -3.39
CA CYS A 149 -1.99 11.87 -2.26
C CYS A 149 -2.72 12.65 -1.16
N SER A 150 -3.99 13.04 -1.40
CA SER A 150 -4.73 13.95 -0.52
C SER A 150 -3.85 14.99 0.17
N PRO A 151 -3.14 15.84 -0.60
CA PRO A 151 -2.11 16.69 -0.02
C PRO A 151 -2.70 17.89 0.71
N LYS A 152 -1.93 18.44 1.65
CA LYS A 152 -2.33 19.60 2.43
C LYS A 152 -1.17 20.60 2.48
N LYS A 153 -1.49 21.90 2.57
CA LYS A 153 -0.46 22.93 2.66
C LYS A 153 0.49 22.61 3.82
N GLY A 154 1.78 22.76 3.57
CA GLY A 154 2.79 22.63 4.61
C GLY A 154 3.30 21.21 4.80
N GLU A 155 2.68 20.24 4.11
CA GLU A 155 3.19 18.85 4.15
C GLU A 155 4.50 18.69 3.42
N THR A 156 5.28 17.67 3.82
CA THR A 156 6.53 17.38 3.19
C THR A 156 6.32 16.29 2.10
N VAL A 157 6.95 16.50 0.95
CA VAL A 157 6.72 15.66 -0.23
C VAL A 157 8.05 15.23 -0.82
N PHE A 158 8.21 13.92 -1.08
CA PHE A 158 9.36 13.44 -1.79
C PHE A 158 8.92 12.84 -3.16
N VAL A 159 9.65 13.16 -4.21
CA VAL A 159 9.29 12.68 -5.54
C VAL A 159 10.51 11.98 -6.09
N SER A 160 10.38 10.70 -6.41
CA SER A 160 11.50 10.04 -7.07
C SER A 160 11.39 10.25 -8.60
N ALA A 161 12.50 10.04 -9.34
CA ALA A 161 12.62 10.39 -10.79
C ALA A 161 12.00 11.73 -11.03
N ALA A 162 12.42 12.70 -10.23
CA ALA A 162 11.78 13.98 -10.17
C ALA A 162 11.96 14.87 -11.42
N SER A 163 12.94 14.58 -12.26
CA SER A 163 13.16 15.41 -13.47
C SER A 163 12.45 14.79 -14.67
N GLY A 164 11.86 13.62 -14.43
CA GLY A 164 11.07 12.95 -15.44
C GLY A 164 9.80 13.71 -15.74
N ALA A 165 9.09 13.23 -16.76
CA ALA A 165 7.96 13.93 -17.28
C ALA A 165 6.88 14.08 -16.22
N VAL A 166 6.69 13.08 -15.37
CA VAL A 166 5.64 13.11 -14.37
C VAL A 166 6.16 13.85 -13.13
N GLY A 167 7.35 13.46 -12.63
CA GLY A 167 7.85 14.03 -11.40
C GLY A 167 8.14 15.53 -11.49
N GLN A 168 8.54 16.04 -12.65
CA GLN A 168 8.79 17.46 -12.72
C GLN A 168 7.53 18.30 -12.51
N LEU A 169 6.37 17.77 -12.90
CA LEU A 169 5.06 18.41 -12.64
C LEU A 169 4.57 18.24 -11.21
N VAL A 170 4.72 17.03 -10.70
CA VAL A 170 4.35 16.76 -9.26
C VAL A 170 5.03 17.80 -8.34
N GLY A 171 6.33 18.01 -8.51
CA GLY A 171 7.07 18.98 -7.66
C GLY A 171 6.49 20.39 -7.72
N GLN A 172 6.13 20.82 -8.93
CA GLN A 172 5.57 22.17 -9.12
C GLN A 172 4.16 22.23 -8.54
N PHE A 173 3.36 21.17 -8.72
CA PHE A 173 2.00 21.15 -8.09
C PHE A 173 2.10 21.21 -6.57
N ALA A 174 3.06 20.44 -6.02
CA ALA A 174 3.25 20.45 -4.58
C ALA A 174 3.69 21.86 -4.07
N LYS A 175 4.58 22.47 -4.83
CA LYS A 175 5.07 23.82 -4.50
C LYS A 175 3.94 24.86 -4.53
N MET A 176 3.08 24.78 -5.54
CA MET A 176 1.92 25.67 -5.68
C MET A 176 0.94 25.55 -4.49
N LEU A 177 0.88 24.35 -3.91
CA LEU A 177 0.11 24.11 -2.70
C LEU A 177 0.77 24.60 -1.39
N GLY A 178 2.06 24.87 -1.44
CA GLY A 178 2.79 25.34 -0.28
C GLY A 178 3.35 24.15 0.51
N CYS A 179 3.65 23.06 -0.21
CA CYS A 179 4.33 21.93 0.36
C CYS A 179 5.81 22.19 0.32
N TYR A 180 6.55 21.49 1.15
CA TYR A 180 8.03 21.49 1.09
C TYR A 180 8.41 20.28 0.23
N VAL A 181 9.21 20.48 -0.81
CA VAL A 181 9.37 19.45 -1.82
C VAL A 181 10.81 19.11 -2.09
N VAL A 182 11.10 17.81 -2.11
CA VAL A 182 12.46 17.32 -2.40
C VAL A 182 12.39 16.27 -3.51
N GLY A 183 13.35 16.28 -4.43
CA GLY A 183 13.32 15.37 -5.59
C GLY A 183 14.63 14.59 -5.67
N SER A 184 14.58 13.38 -6.20
CA SER A 184 15.79 12.59 -6.48
CA SER A 184 15.82 12.65 -6.49
C SER A 184 15.95 12.52 -8.00
N ALA A 185 17.19 12.66 -8.50
CA ALA A 185 17.50 12.43 -9.92
C ALA A 185 18.87 11.75 -10.05
N GLY A 186 19.25 11.39 -11.27
CA GLY A 186 20.44 10.56 -11.44
C GLY A 186 21.66 11.30 -11.96
N SER A 187 21.65 12.64 -11.91
CA SER A 187 22.85 13.42 -12.34
C SER A 187 22.85 14.81 -11.72
N LYS A 188 24.04 15.39 -11.62
CA LYS A 188 24.17 16.74 -11.13
C LYS A 188 23.36 17.72 -12.01
N GLU A 189 23.36 17.52 -13.33
CA GLU A 189 22.65 18.44 -14.20
C GLU A 189 21.15 18.40 -13.91
N LYS A 190 20.62 17.21 -13.66
CA LYS A 190 19.19 17.08 -13.40
C LYS A 190 18.83 17.61 -12.03
N VAL A 191 19.71 17.38 -11.03
CA VAL A 191 19.52 17.93 -9.69
C VAL A 191 19.48 19.45 -9.73
N ASP A 192 20.46 20.06 -10.38
CA ASP A 192 20.46 21.53 -10.55
C ASP A 192 19.19 22.07 -11.23
N LEU A 193 18.76 21.40 -12.28
CA LEU A 193 17.50 21.75 -12.94
C LEU A 193 16.27 21.74 -11.97
N LEU A 194 16.14 20.68 -11.16
CA LEU A 194 15.02 20.55 -10.20
C LEU A 194 14.87 21.76 -9.30
N LYS A 195 16.01 22.24 -8.80
CA LYS A 195 16.03 23.37 -7.91
C LYS A 195 15.97 24.71 -8.65
N SER A 196 16.69 24.85 -9.77
CA SER A 196 16.78 26.16 -10.44
C SER A 196 15.56 26.44 -11.31
N LYS A 197 15.06 25.45 -12.03
CA LYS A 197 13.93 25.66 -12.93
C LYS A 197 12.57 25.23 -12.33
N PHE A 198 12.51 24.09 -11.63
CA PHE A 198 11.23 23.54 -11.17
C PHE A 198 10.88 23.96 -9.73
N GLY A 199 11.75 24.70 -9.07
CA GLY A 199 11.44 25.18 -7.72
C GLY A 199 11.26 24.12 -6.63
N PHE A 200 11.86 22.93 -6.81
CA PHE A 200 12.02 21.99 -5.67
C PHE A 200 12.83 22.73 -4.61
N ASP A 201 12.45 22.59 -3.33
CA ASP A 201 13.22 23.13 -2.21
C ASP A 201 14.62 22.51 -2.14
N GLU A 202 14.70 21.19 -2.25
CA GLU A 202 16.00 20.52 -2.31
C GLU A 202 15.92 19.40 -3.31
N ALA A 203 17.09 18.85 -3.66
CA ALA A 203 17.12 17.68 -4.49
C ALA A 203 18.47 17.06 -4.31
N PHE A 204 18.60 15.77 -4.62
CA PHE A 204 19.87 15.11 -4.56
C PHE A 204 20.03 14.08 -5.65
N ASN A 205 21.29 13.82 -5.98
CA ASN A 205 21.65 12.79 -6.93
C ASN A 205 21.74 11.46 -6.18
N TYR A 206 20.79 10.56 -6.44
CA TYR A 206 20.72 9.26 -5.73
C TYR A 206 22.01 8.46 -5.83
N LYS A 207 22.72 8.60 -6.95
CA LYS A 207 23.93 7.79 -7.22
C LYS A 207 25.06 8.18 -6.26
N GLU A 208 25.01 9.42 -5.75
CA GLU A 208 26.13 9.95 -4.93
C GLU A 208 25.88 9.73 -3.44
N GLU A 209 24.76 9.10 -3.11
CA GLU A 209 24.45 8.80 -1.71
C GLU A 209 24.87 7.37 -1.35
N GLN A 210 25.72 7.26 -0.34
CA GLN A 210 26.13 5.96 0.22
C GLN A 210 24.94 5.23 0.83
N ASP A 211 24.05 5.99 1.46
CA ASP A 211 22.94 5.43 2.22
C ASP A 211 21.67 6.27 1.96
N LEU A 212 20.77 5.77 1.10
CA LEU A 212 19.51 6.48 0.75
C LEU A 212 18.65 6.86 1.97
N SER A 213 18.54 5.93 2.94
CA SER A 213 17.79 6.17 4.17
C SER A 213 18.35 7.39 4.92
N ALA A 214 19.67 7.41 5.11
CA ALA A 214 20.30 8.59 5.76
C ALA A 214 20.19 9.84 4.92
N ALA A 215 20.26 9.72 3.59
CA ALA A 215 20.12 10.93 2.74
C ALA A 215 18.72 11.54 2.93
N LEU A 216 17.70 10.68 2.92
CA LEU A 216 16.33 11.17 3.11
C LEU A 216 16.12 11.76 4.51
N LYS A 217 16.78 11.20 5.54
CA LYS A 217 16.65 11.77 6.91
C LYS A 217 17.19 13.21 6.93
N ARG A 218 18.28 13.43 6.20
CA ARG A 218 18.95 14.75 6.11
C ARG A 218 18.02 15.80 5.50
N TYR A 219 17.35 15.43 4.40
CA TYR A 219 16.37 16.33 3.77
C TYR A 219 15.02 16.45 4.45
N PHE A 220 14.64 15.42 5.21
CA PHE A 220 13.36 15.41 5.94
C PHE A 220 13.59 15.09 7.43
N PRO A 221 14.11 16.06 8.20
CA PRO A 221 14.34 15.81 9.63
C PRO A 221 13.14 15.20 10.38
N ASP A 222 11.91 15.60 10.01
CA ASP A 222 10.69 15.12 10.70
C ASP A 222 9.87 14.14 9.87
N GLY A 223 10.48 13.62 8.81
CA GLY A 223 9.78 12.63 8.02
C GLY A 223 9.11 13.18 6.76
N ILE A 224 8.61 12.24 5.95
CA ILE A 224 7.93 12.51 4.68
C ILE A 224 6.42 12.25 4.85
N ASP A 225 5.60 13.27 4.59
CA ASP A 225 4.14 13.06 4.55
C ASP A 225 3.72 12.31 3.28
N ILE A 226 4.35 12.63 2.16
CA ILE A 226 3.88 12.14 0.85
C ILE A 226 5.03 11.69 0.04
N TYR A 227 4.93 10.47 -0.45
CA TYR A 227 5.91 9.96 -1.41
C TYR A 227 5.22 9.75 -2.76
N PHE A 228 5.67 10.47 -3.78
CA PHE A 228 5.17 10.18 -5.16
C PHE A 228 6.17 9.19 -5.77
N GLU A 229 5.74 7.95 -5.91
CA GLU A 229 6.63 6.83 -6.21
C GLU A 229 6.68 6.55 -7.73
N ASN A 230 7.84 6.79 -8.34
CA ASN A 230 8.10 6.54 -9.76
C ASN A 230 9.12 5.46 -9.97
N VAL A 231 9.78 5.03 -8.89
CA VAL A 231 11.04 4.25 -8.99
C VAL A 231 11.00 2.83 -8.46
N GLY A 232 10.50 2.66 -7.23
CA GLY A 232 10.39 1.34 -6.59
C GLY A 232 11.73 0.91 -6.02
N GLY A 233 11.81 -0.33 -5.52
CA GLY A 233 13.10 -0.99 -5.15
C GLY A 233 13.70 -0.37 -3.91
N LYS A 234 15.03 -0.22 -3.87
CA LYS A 234 15.73 0.25 -2.66
C LYS A 234 15.32 1.67 -2.29
N MET A 235 14.99 2.48 -3.30
CA MET A 235 14.49 3.82 -3.02
C MET A 235 13.23 3.74 -2.14
N LEU A 236 12.29 2.86 -2.48
CA LEU A 236 11.05 2.72 -1.70
C LEU A 236 11.34 2.30 -0.24
N ASP A 237 12.26 1.32 -0.09
CA ASP A 237 12.67 0.89 1.24
C ASP A 237 13.23 2.04 2.05
N ALA A 238 14.02 2.91 1.41
CA ALA A 238 14.59 4.07 2.13
C ALA A 238 13.50 5.08 2.53
N VAL A 239 12.51 5.26 1.68
CA VAL A 239 11.40 6.18 1.99
C VAL A 239 10.56 5.65 3.14
N LEU A 240 10.28 4.33 3.09
CA LEU A 240 9.40 3.73 4.11
C LEU A 240 9.85 4.03 5.53
N VAL A 241 11.16 3.91 5.76
CA VAL A 241 11.69 4.15 7.10
C VAL A 241 11.69 5.64 7.51
N ASN A 242 11.42 6.52 6.54
CA ASN A 242 11.41 7.99 6.74
C ASN A 242 10.00 8.64 6.65
N MET A 243 8.95 7.81 6.53
CA MET A 243 7.60 8.33 6.43
C MET A 243 7.07 8.86 7.78
N LYS A 244 6.28 9.93 7.69
CA LYS A 244 5.54 10.44 8.83
C LYS A 244 4.35 9.55 9.12
N LEU A 245 3.81 9.72 10.33
CA LEU A 245 2.52 9.08 10.68
C LEU A 245 1.44 9.53 9.68
N TYR A 246 0.59 8.57 9.26
CA TYR A 246 -0.50 8.71 8.23
C TYR A 246 0.00 9.22 6.88
N GLY A 247 1.29 9.00 6.65
CA GLY A 247 1.96 9.16 5.37
C GLY A 247 1.23 8.50 4.24
N ARG A 248 1.36 9.05 3.02
CA ARG A 248 0.72 8.45 1.84
C ARG A 248 1.75 8.25 0.71
N ILE A 249 1.61 7.14 -0.01
CA ILE A 249 2.48 6.82 -1.14
C ILE A 249 1.59 6.58 -2.32
N ALA A 250 1.68 7.45 -3.36
CA ALA A 250 0.99 7.23 -4.61
C ALA A 250 1.93 6.41 -5.48
N VAL A 251 1.55 5.18 -5.78
CA VAL A 251 2.40 4.26 -6.53
C VAL A 251 2.04 4.45 -8.00
N CYS A 252 2.91 5.21 -8.65
CA CYS A 252 2.64 5.61 -10.06
C CYS A 252 3.42 4.74 -11.04
N GLY A 253 4.73 4.57 -10.75
CA GLY A 253 5.63 3.78 -11.65
C GLY A 253 6.70 3.10 -10.78
N MET A 254 7.37 2.09 -11.34
CA MET A 254 8.59 1.56 -10.69
C MET A 254 9.71 1.40 -11.71
N ILE A 255 10.17 2.54 -12.27
CA ILE A 255 11.10 2.55 -13.40
C ILE A 255 12.38 1.74 -13.13
N SER A 256 12.83 1.70 -11.86
CA SER A 256 14.08 0.97 -11.59
C SER A 256 13.90 -0.52 -11.83
N GLN A 257 12.64 -0.95 -11.99
CA GLN A 257 12.34 -2.38 -12.04
C GLN A 257 12.15 -2.94 -13.48
N TYR A 258 11.97 -2.05 -14.47
CA TYR A 258 11.46 -2.48 -15.80
C TYR A 258 12.43 -3.26 -16.67
N ASN A 259 13.72 -3.02 -16.45
CA ASN A 259 14.76 -3.63 -17.25
C ASN A 259 15.40 -4.85 -16.55
N LEU A 260 14.77 -5.34 -15.48
CA LEU A 260 15.29 -6.50 -14.73
C LEU A 260 14.66 -7.81 -15.15
N GLU A 261 15.44 -8.88 -15.15
CA GLU A 261 14.91 -10.24 -15.37
C GLU A 261 13.95 -10.63 -14.24
N GLN A 262 14.36 -10.33 -13.00
CA GLN A 262 13.47 -10.44 -11.84
C GLN A 262 13.59 -9.21 -10.93
N THR A 263 12.47 -8.86 -10.33
CA THR A 263 12.38 -7.69 -9.46
C THR A 263 13.18 -7.82 -8.14
N GLU A 264 13.56 -6.66 -7.61
CA GLU A 264 14.20 -6.52 -6.31
C GLU A 264 13.19 -6.65 -5.18
N GLY A 265 13.63 -7.22 -4.07
CA GLY A 265 12.75 -7.49 -2.93
C GLY A 265 12.55 -6.24 -2.11
N VAL A 266 11.31 -5.89 -1.78
CA VAL A 266 11.07 -4.78 -0.88
C VAL A 266 10.91 -5.29 0.56
N HIS A 267 11.69 -4.74 1.49
CA HIS A 267 11.85 -5.35 2.83
C HIS A 267 11.18 -4.61 3.98
N ASN A 268 10.82 -3.32 3.78
CA ASN A 268 10.38 -2.51 4.92
C ASN A 268 8.89 -2.27 5.04
N LEU A 269 8.07 -3.16 4.51
CA LEU A 269 6.63 -2.87 4.49
C LEU A 269 6.02 -2.88 5.90
N PHE A 270 6.76 -3.38 6.88
CA PHE A 270 6.27 -3.34 8.27
C PHE A 270 6.04 -1.88 8.70
N CYS A 271 6.74 -0.92 8.07
CA CYS A 271 6.50 0.50 8.35
C CYS A 271 5.05 0.93 8.07
N LEU A 272 4.38 0.25 7.13
CA LEU A 272 2.96 0.60 6.78
C LEU A 272 2.12 0.50 8.03
N ILE A 273 2.48 -0.45 8.91
CA ILE A 273 1.77 -0.62 10.20
C ILE A 273 2.17 0.42 11.25
N THR A 274 3.45 0.48 11.60
CA THR A 274 3.99 1.43 12.60
C THR A 274 3.56 2.89 12.35
N LYS A 275 3.52 3.28 11.07
CA LYS A 275 3.31 4.68 10.66
C LYS A 275 1.92 4.84 10.02
N ARG A 276 1.16 3.74 9.98
CA ARG A 276 -0.20 3.78 9.41
C ARG A 276 -0.24 4.49 8.04
N ILE A 277 0.57 3.98 7.11
CA ILE A 277 0.66 4.56 5.74
C ILE A 277 -0.38 3.96 4.82
N ARG A 278 -0.92 4.81 3.96
CA ARG A 278 -1.73 4.37 2.84
C ARG A 278 -0.83 4.36 1.60
N MET A 279 -0.63 3.17 1.02
CA MET A 279 0.16 3.08 -0.18
C MET A 279 -0.76 2.57 -1.28
N GLU A 280 -1.02 3.42 -2.30
CA GLU A 280 -2.12 3.15 -3.21
C GLU A 280 -1.65 3.29 -4.66
N GLY A 281 -1.82 2.23 -5.44
CA GLY A 281 -1.56 2.29 -6.87
C GLY A 281 -2.72 2.93 -7.62
N PHE A 282 -2.42 3.51 -8.77
CA PHE A 282 -3.45 4.19 -9.56
C PHE A 282 -2.97 4.18 -10.99
N LEU A 283 -3.93 4.34 -11.92
CA LEU A 283 -3.62 4.46 -13.33
C LEU A 283 -4.43 5.67 -13.87
N VAL A 284 -3.76 6.48 -14.67
CA VAL A 284 -4.36 7.66 -15.21
C VAL A 284 -5.69 7.38 -15.98
N PHE A 285 -5.79 6.18 -16.59
CA PHE A 285 -7.02 5.76 -17.29
C PHE A 285 -8.25 5.93 -16.46
N ASP A 286 -8.14 5.87 -15.15
CA ASP A 286 -9.31 5.99 -14.30
C ASP A 286 -9.74 7.44 -13.97
N TYR A 287 -8.95 8.43 -14.43
CA TYR A 287 -9.09 9.82 -13.97
C TYR A 287 -9.34 10.78 -15.16
N TYR A 288 -9.53 10.24 -16.36
CA TYR A 288 -9.71 11.16 -17.52
C TYR A 288 -10.97 12.03 -17.42
N HIS A 289 -11.87 11.69 -16.51
CA HIS A 289 -13.01 12.60 -16.20
C HIS A 289 -12.53 13.94 -15.61
N LEU A 290 -11.31 13.99 -15.06
CA LEU A 290 -10.77 15.25 -14.54
C LEU A 290 -9.93 15.99 -15.55
N TYR A 291 -9.83 15.46 -16.76
CA TYR A 291 -8.93 16.05 -17.73
C TYR A 291 -9.39 17.48 -18.15
N PRO A 292 -10.72 17.74 -18.32
CA PRO A 292 -11.11 19.16 -18.61
C PRO A 292 -10.72 20.12 -17.46
N LYS A 293 -10.94 19.71 -16.23
CA LYS A 293 -10.49 20.50 -15.06
C LYS A 293 -8.96 20.74 -15.06
N TYR A 294 -8.20 19.69 -15.36
CA TYR A 294 -6.75 19.82 -15.37
C TYR A 294 -6.29 20.84 -16.45
N LEU A 295 -6.79 20.67 -17.68
CA LEU A 295 -6.43 21.62 -18.79
C LEU A 295 -6.78 23.05 -18.44
N GLU A 296 -7.98 23.26 -17.90
CA GLU A 296 -8.40 24.62 -17.61
CA GLU A 296 -8.43 24.62 -17.57
C GLU A 296 -7.59 25.27 -16.48
N MET A 297 -7.09 24.50 -15.55
CA MET A 297 -6.14 24.96 -14.54
C MET A 297 -4.73 25.23 -15.14
N VAL A 298 -4.15 24.21 -15.81
CA VAL A 298 -2.73 24.22 -16.14
C VAL A 298 -2.36 25.13 -17.30
N ILE A 299 -3.23 25.27 -18.28
CA ILE A 299 -2.89 26.03 -19.47
C ILE A 299 -2.67 27.53 -19.14
N PRO A 300 -3.61 28.15 -18.36
CA PRO A 300 -3.32 29.53 -17.89
C PRO A 300 -2.00 29.63 -17.14
N GLN A 301 -1.67 28.65 -16.31
CA GLN A 301 -0.38 28.62 -15.57
C GLN A 301 0.80 28.53 -16.48
N ILE A 302 0.69 27.72 -17.55
CA ILE A 302 1.78 27.57 -18.50
C ILE A 302 2.01 28.95 -19.14
N LYS A 303 0.92 29.57 -19.62
CA LYS A 303 1.01 30.86 -20.32
C LYS A 303 1.48 31.99 -19.42
N ALA A 304 1.24 31.87 -18.13
CA ALA A 304 1.81 32.82 -17.19
C ALA A 304 3.24 32.49 -16.76
N GLY A 305 3.78 31.39 -17.24
CA GLY A 305 5.11 30.98 -16.75
C GLY A 305 5.11 30.56 -15.27
N LYS A 306 3.96 30.32 -14.69
CA LYS A 306 3.92 29.80 -13.32
C LYS A 306 4.14 28.26 -13.24
N VAL A 307 3.87 27.54 -14.33
CA VAL A 307 4.22 26.14 -14.43
C VAL A 307 5.10 26.02 -15.67
N VAL A 308 6.24 25.33 -15.54
CA VAL A 308 7.27 25.24 -16.58
C VAL A 308 7.44 23.76 -17.03
N TYR A 309 8.03 23.54 -18.21
CA TYR A 309 8.22 22.19 -18.73
C TYR A 309 9.50 22.18 -19.53
N VAL A 310 10.19 21.04 -19.45
CA VAL A 310 11.41 20.77 -20.21
C VAL A 310 11.18 19.44 -20.92
N GLU A 311 11.34 19.47 -22.22
CA GLU A 311 11.24 18.26 -23.06
C GLU A 311 12.41 18.27 -24.03
N ASP A 312 12.76 17.10 -24.56
CA ASP A 312 13.63 17.03 -25.70
C ASP A 312 12.85 16.51 -26.92
N VAL A 313 12.99 17.20 -28.05
CA VAL A 313 12.32 16.83 -29.27
C VAL A 313 13.36 16.32 -30.26
N ALA A 314 13.38 15.02 -30.51
CA ALA A 314 14.28 14.43 -31.51
C ALA A 314 13.55 14.48 -32.85
N HIS A 315 14.28 14.66 -33.94
CA HIS A 315 13.63 14.91 -35.23
C HIS A 315 13.71 13.75 -36.19
N GLY A 316 12.54 13.36 -36.76
CA GLY A 316 12.38 12.28 -37.75
C GLY A 316 12.16 10.93 -37.11
N LEU A 317 11.39 10.07 -37.77
CA LEU A 317 11.20 8.70 -37.30
C LEU A 317 12.48 7.89 -37.15
N GLU A 318 13.49 8.27 -37.91
CA GLU A 318 14.76 7.54 -37.89
C GLU A 318 15.48 7.69 -36.57
N SER A 319 15.14 8.76 -35.82
CA SER A 319 15.71 9.02 -34.50
C SER A 319 14.97 8.35 -33.35
N ALA A 320 13.80 7.77 -33.66
CA ALA A 320 12.94 7.25 -32.61
C ALA A 320 13.61 6.12 -31.84
N PRO A 321 14.25 5.14 -32.51
CA PRO A 321 14.95 4.10 -31.73
C PRO A 321 15.96 4.65 -30.76
N THR A 322 16.79 5.58 -31.21
CA THR A 322 17.81 6.20 -30.35
C THR A 322 17.12 6.97 -29.23
N ALA A 323 16.02 7.67 -29.56
CA ALA A 323 15.29 8.46 -28.51
C ALA A 323 14.75 7.53 -27.45
N LEU A 324 14.19 6.40 -27.88
CA LEU A 324 13.56 5.47 -26.97
C LEU A 324 14.61 4.78 -26.08
N VAL A 325 15.64 4.19 -26.71
CA VAL A 325 16.77 3.63 -25.95
C VAL A 325 17.37 4.64 -24.96
N GLY A 326 17.58 5.86 -25.42
CA GLY A 326 18.14 6.94 -24.59
C GLY A 326 17.34 7.20 -23.33
N LEU A 327 16.03 7.23 -23.50
CA LEU A 327 15.12 7.41 -22.39
C LEU A 327 15.36 6.33 -21.35
N PHE A 328 15.42 5.08 -21.79
CA PHE A 328 15.49 3.93 -20.88
C PHE A 328 16.79 3.94 -20.07
N SER A 329 17.77 4.73 -20.52
CA SER A 329 19.10 4.81 -19.92
C SER A 329 19.52 6.24 -19.52
N GLY A 330 18.55 7.14 -19.35
CA GLY A 330 18.83 8.50 -18.84
C GLY A 330 19.65 9.53 -19.63
N ARG A 331 19.61 9.45 -20.96
CA ARG A 331 20.30 10.41 -21.84
C ARG A 331 19.55 11.73 -21.97
N ASN A 332 18.23 11.68 -21.86
CA ASN A 332 17.42 12.88 -22.01
C ASN A 332 17.33 13.71 -20.69
N ILE A 333 17.21 15.02 -20.80
CA ILE A 333 16.71 15.85 -19.69
C ILE A 333 15.22 16.16 -19.90
N GLY A 334 14.41 15.68 -18.98
CA GLY A 334 12.93 15.86 -19.09
C GLY A 334 12.29 14.98 -20.16
N LYS A 335 11.09 15.37 -20.61
CA LYS A 335 10.22 14.53 -21.38
C LYS A 335 10.73 14.28 -22.80
N GLN A 336 10.85 13.03 -23.19
CA GLN A 336 11.39 12.74 -24.52
C GLN A 336 10.29 12.64 -25.57
N VAL A 337 10.43 13.39 -26.66
CA VAL A 337 9.44 13.32 -27.72
CA VAL A 337 9.45 13.45 -27.74
C VAL A 337 10.16 13.13 -29.06
N VAL A 338 9.43 12.60 -30.02
CA VAL A 338 10.00 12.48 -31.36
C VAL A 338 9.06 13.27 -32.27
N MET A 339 9.61 14.18 -33.05
CA MET A 339 8.79 14.85 -34.06
C MET A 339 8.86 14.07 -35.37
N VAL A 340 7.70 13.69 -35.88
CA VAL A 340 7.60 12.81 -37.06
C VAL A 340 7.63 13.70 -38.28
N SER A 341 6.92 14.82 -38.15
CA SER A 341 6.61 15.73 -39.23
C SER A 341 6.12 17.02 -38.58
N ARG A 342 6.20 18.09 -39.37
CA ARG A 342 5.59 19.39 -39.08
C ARG A 342 4.24 19.49 -39.80
N GLU A 343 3.30 20.21 -39.18
CA GLU A 343 2.00 20.57 -39.78
C GLU A 343 1.17 21.48 -38.87
N ALA B 2 -4.49 0.62 54.91
CA ALA B 2 -4.74 0.12 53.58
C ALA B 2 -4.46 -1.39 53.60
N GLU B 3 -5.15 -2.13 52.73
CA GLU B 3 -4.86 -3.56 52.53
C GLU B 3 -3.46 -3.75 51.97
N GLU B 4 -2.79 -4.75 52.50
CA GLU B 4 -1.47 -5.10 52.05
C GLU B 4 -1.43 -6.58 51.83
N VAL B 5 -1.01 -6.99 50.63
CA VAL B 5 -1.22 -8.36 50.16
C VAL B 5 0.00 -8.88 49.41
N SER B 6 0.13 -10.18 49.37
CA SER B 6 1.18 -10.74 48.56
C SER B 6 0.80 -10.56 47.05
N ASN B 7 1.79 -10.26 46.25
CA ASN B 7 1.58 -10.02 44.80
C ASN B 7 2.55 -10.88 43.99
N LYS B 8 2.05 -11.93 43.35
CA LYS B 8 2.88 -12.71 42.43
C LYS B 8 3.00 -11.99 41.09
N GLN B 9 4.21 -11.99 40.51
CA GLN B 9 4.52 -11.29 39.25
C GLN B 9 5.27 -12.15 38.24
N VAL B 10 5.04 -11.89 36.94
CA VAL B 10 5.86 -12.57 35.89
C VAL B 10 6.84 -11.50 35.38
N ILE B 11 8.10 -11.72 35.69
CA ILE B 11 9.17 -10.74 35.40
C ILE B 11 9.88 -11.15 34.12
N LEU B 12 10.19 -10.18 33.24
CA LEU B 12 11.11 -10.45 32.15
C LEU B 12 12.50 -10.50 32.75
N LYS B 13 13.11 -11.68 32.72
CA LYS B 13 14.44 -11.89 33.29
C LYS B 13 15.53 -11.22 32.45
N ASN B 14 15.40 -11.25 31.12
CA ASN B 14 16.37 -10.66 30.17
C ASN B 14 15.72 -10.44 28.80
N TYR B 15 16.28 -9.56 27.96
CA TYR B 15 15.86 -9.48 26.55
C TYR B 15 16.10 -10.81 25.88
N VAL B 16 15.23 -11.19 24.94
CA VAL B 16 15.36 -12.48 24.25
C VAL B 16 15.85 -12.30 22.83
N THR B 17 16.73 -13.18 22.37
CA THR B 17 17.24 -13.07 21.01
C THR B 17 16.51 -14.01 20.04
N GLY B 18 16.67 -15.31 20.23
CA GLY B 18 16.08 -16.31 19.34
C GLY B 18 14.73 -16.82 19.82
N TYR B 19 14.69 -18.11 20.17
CA TYR B 19 13.46 -18.78 20.63
C TYR B 19 13.04 -18.29 22.02
N PRO B 20 12.00 -17.43 22.11
CA PRO B 20 11.53 -17.01 23.45
C PRO B 20 11.20 -18.26 24.22
N LYS B 21 11.71 -18.35 25.44
CA LYS B 21 11.59 -19.57 26.22
C LYS B 21 11.20 -19.23 27.66
N GLU B 22 10.59 -20.21 28.35
CA GLU B 22 10.12 -20.08 29.74
C GLU B 22 11.16 -19.40 30.60
N SER B 23 12.40 -19.86 30.47
CA SER B 23 13.56 -19.36 31.21
C SER B 23 13.89 -17.86 30.95
N ASP B 24 13.28 -17.25 29.94
CA ASP B 24 13.41 -15.79 29.81
C ASP B 24 12.51 -14.98 30.82
N MET B 25 11.68 -15.69 31.57
CA MET B 25 10.78 -15.06 32.56
C MET B 25 10.99 -15.76 33.89
N GLU B 26 10.63 -15.10 34.99
CA GLU B 26 10.56 -15.77 36.29
C GLU B 26 9.39 -15.24 37.12
N ILE B 27 9.00 -16.04 38.11
CA ILE B 27 7.95 -15.69 39.01
C ILE B 27 8.60 -15.07 40.24
N LYS B 28 8.12 -13.90 40.60
CA LYS B 28 8.65 -13.17 41.72
C LYS B 28 7.43 -12.95 42.65
N ASN B 29 7.66 -13.08 43.93
CA ASN B 29 6.60 -12.83 44.92
C ASN B 29 6.95 -11.63 45.77
N VAL B 30 6.14 -10.57 45.68
CA VAL B 30 6.36 -9.39 46.49
C VAL B 30 5.13 -9.01 47.34
N THR B 31 5.28 -7.94 48.12
CA THR B 31 4.22 -7.43 48.93
C THR B 31 3.77 -6.11 48.29
N ILE B 32 2.47 -5.91 48.12
CA ILE B 32 1.96 -4.65 47.59
C ILE B 32 0.97 -4.02 48.57
N LYS B 33 1.04 -2.71 48.74
CA LYS B 33 0.00 -1.97 49.45
C LYS B 33 -1.05 -1.45 48.44
N LEU B 34 -2.34 -1.71 48.70
CA LEU B 34 -3.39 -1.43 47.73
C LEU B 34 -3.96 -0.04 48.00
N LYS B 35 -3.20 0.94 47.55
CA LYS B 35 -3.45 2.36 47.88
C LYS B 35 -3.07 3.17 46.64
N VAL B 36 -3.97 4.02 46.20
CA VAL B 36 -3.66 5.02 45.18
C VAL B 36 -2.52 5.90 45.70
N PRO B 37 -1.42 6.02 44.94
CA PRO B 37 -0.32 6.88 45.34
C PRO B 37 -0.80 8.32 45.52
N GLU B 38 -0.43 8.94 46.64
CA GLU B 38 -0.88 10.31 46.95
C GLU B 38 -0.68 11.24 45.77
N GLY B 39 -1.69 12.07 45.51
CA GLY B 39 -1.65 13.03 44.41
C GLY B 39 -2.19 12.51 43.09
N SER B 40 -1.89 11.26 42.78
CA SER B 40 -2.07 10.71 41.44
C SER B 40 -3.51 10.41 41.14
N ASN B 41 -3.81 10.21 39.86
CA ASN B 41 -5.09 9.70 39.44
C ASN B 41 -5.00 8.24 39.02
N ASP B 42 -4.02 7.53 39.58
CA ASP B 42 -3.86 6.09 39.39
C ASP B 42 -5.06 5.22 39.74
N VAL B 43 -5.12 4.03 39.15
CA VAL B 43 -6.18 3.06 39.45
C VAL B 43 -5.58 1.73 39.97
N VAL B 44 -6.07 1.24 41.10
CA VAL B 44 -5.56 -0.02 41.69
C VAL B 44 -6.49 -1.16 41.39
N VAL B 45 -5.93 -2.18 40.75
CA VAL B 45 -6.75 -3.24 40.24
C VAL B 45 -6.26 -4.61 40.65
N LYS B 46 -7.21 -5.54 40.69
CA LYS B 46 -6.86 -6.92 40.83
C LYS B 46 -7.05 -7.49 39.44
N ASN B 47 -6.00 -8.10 38.92
CA ASN B 47 -6.06 -8.68 37.56
C ASN B 47 -6.75 -10.03 37.58
N LEU B 48 -7.65 -10.21 36.61
CA LEU B 48 -8.45 -11.42 36.49
C LEU B 48 -8.05 -12.30 35.29
N TYR B 49 -7.81 -11.66 34.14
CA TYR B 49 -7.40 -12.37 32.88
C TYR B 49 -6.28 -11.58 32.24
N LEU B 50 -5.34 -12.25 31.59
CA LEU B 50 -4.28 -11.60 30.83
C LEU B 50 -4.29 -12.23 29.46
N SER B 51 -4.25 -11.39 28.44
CA SER B 51 -4.26 -11.86 27.07
C SER B 51 -2.83 -12.26 26.65
N CYS B 52 -2.68 -13.32 25.86
CA CYS B 52 -1.38 -13.58 25.28
C CYS B 52 -1.54 -13.22 23.79
N ASP B 53 -0.97 -12.07 23.41
CA ASP B 53 -1.14 -11.54 22.04
C ASP B 53 0.18 -11.54 21.27
N PRO B 54 0.13 -11.89 19.96
CA PRO B 54 1.37 -12.04 19.16
C PRO B 54 2.31 -10.83 19.18
N TYR B 55 1.78 -9.61 19.20
CA TYR B 55 2.63 -8.39 19.15
C TYR B 55 3.62 -8.31 20.33
N MET B 56 3.29 -8.98 21.45
CA MET B 56 4.14 -8.93 22.66
C MET B 56 5.54 -9.47 22.41
N ARG B 57 5.69 -10.34 21.43
CA ARG B 57 7.02 -10.94 21.14
C ARG B 57 8.06 -9.88 20.78
N SER B 58 7.67 -8.95 19.92
CA SER B 58 8.56 -7.85 19.56
CA SER B 58 8.55 -7.83 19.55
C SER B 58 8.99 -7.02 20.77
N ARG B 59 8.12 -6.93 21.77
CA ARG B 59 8.42 -6.19 23.03
C ARG B 59 9.45 -6.84 23.99
N MET B 60 9.75 -8.12 23.75
CA MET B 60 10.78 -8.81 24.52
C MET B 60 12.22 -8.61 23.98
N ARG B 61 12.34 -7.94 22.86
CA ARG B 61 13.63 -7.65 22.27
C ARG B 61 13.93 -6.16 22.45
N LYS B 62 15.22 -5.81 22.45
CA LYS B 62 15.66 -4.43 22.68
C LYS B 62 15.42 -3.53 21.46
N ILE B 63 14.44 -2.62 21.56
CA ILE B 63 14.25 -1.53 20.58
C ILE B 63 13.94 -0.19 21.26
N GLU B 69 7.36 0.78 22.66
CA GLU B 69 8.32 0.66 23.78
C GLU B 69 8.44 -0.78 24.25
N SER B 70 9.66 -1.30 24.36
CA SER B 70 9.85 -2.70 24.69
C SER B 70 9.66 -2.95 26.19
N PHE B 71 9.61 -4.21 26.61
CA PHE B 71 9.63 -4.50 28.04
C PHE B 71 10.96 -4.14 28.71
N ALA B 72 10.97 -4.06 30.04
CA ALA B 72 12.25 -3.86 30.76
C ALA B 72 12.66 -5.11 31.57
N PRO B 73 13.88 -5.68 31.33
CA PRO B 73 14.36 -6.71 32.27
C PRO B 73 14.22 -6.27 33.72
N GLY B 74 13.79 -7.19 34.58
CA GLY B 74 13.63 -6.86 35.99
C GLY B 74 12.22 -6.43 36.38
N SER B 75 11.40 -6.01 35.41
CA SER B 75 10.00 -5.66 35.68
C SER B 75 8.98 -6.62 35.09
N PRO B 76 7.69 -6.50 35.56
CA PRO B 76 6.65 -7.40 35.09
C PRO B 76 6.41 -7.14 33.62
N ILE B 77 6.11 -8.20 32.91
CA ILE B 77 5.54 -8.09 31.59
C ILE B 77 4.24 -7.28 31.72
N THR B 78 3.88 -6.52 30.69
CA THR B 78 2.58 -5.84 30.62
C THR B 78 1.84 -6.25 29.36
N GLY B 79 0.51 -6.13 29.35
CA GLY B 79 -0.23 -6.45 28.13
C GLY B 79 -1.71 -6.23 28.44
N TYR B 80 -2.57 -6.54 27.48
CA TYR B 80 -3.99 -6.42 27.66
C TYR B 80 -4.54 -7.41 28.68
N GLY B 81 -5.51 -6.97 29.47
CA GLY B 81 -6.09 -7.83 30.52
C GLY B 81 -7.45 -7.36 30.94
N VAL B 82 -8.05 -8.08 31.88
CA VAL B 82 -9.33 -7.74 32.45
C VAL B 82 -9.09 -7.74 33.96
N ALA B 83 -9.62 -6.71 34.64
CA ALA B 83 -9.29 -6.50 36.02
C ALA B 83 -10.50 -5.94 36.77
N LYS B 84 -10.47 -6.05 38.10
CA LYS B 84 -11.48 -5.44 39.00
C LYS B 84 -10.82 -4.34 39.80
N VAL B 85 -11.40 -3.13 39.75
CA VAL B 85 -10.87 -1.97 40.49
C VAL B 85 -11.05 -2.15 42.00
N LEU B 86 -9.98 -1.87 42.75
CA LEU B 86 -9.98 -1.93 44.22
C LEU B 86 -9.97 -0.50 44.79
N GLU B 87 -9.23 0.40 44.15
CA GLU B 87 -9.14 1.82 44.61
C GLU B 87 -8.80 2.68 43.40
N SER B 88 -9.22 3.93 43.42
CA SER B 88 -9.03 4.80 42.26
C SER B 88 -8.88 6.29 42.63
N GLY B 89 -7.93 6.97 41.99
CA GLY B 89 -7.82 8.43 42.08
C GLY B 89 -8.37 9.09 40.82
N ASP B 90 -8.92 8.29 39.93
CA ASP B 90 -9.53 8.75 38.68
C ASP B 90 -11.05 8.71 38.85
N PRO B 91 -11.71 9.91 38.75
CA PRO B 91 -13.16 10.09 38.87
C PRO B 91 -13.99 9.03 38.13
N LYS B 92 -13.51 8.55 36.98
CA LYS B 92 -14.31 7.69 36.11
C LYS B 92 -14.40 6.22 36.50
N PHE B 93 -13.56 5.79 37.44
CA PHE B 93 -13.58 4.43 37.92
C PHE B 93 -13.75 4.41 39.43
N GLN B 94 -14.52 3.44 39.93
CA GLN B 94 -14.67 3.23 41.36
C GLN B 94 -14.44 1.78 41.76
N LYS B 95 -14.06 1.58 43.01
CA LYS B 95 -14.03 0.26 43.64
C LYS B 95 -15.19 -0.59 43.12
N GLY B 96 -14.87 -1.80 42.69
CA GLY B 96 -15.91 -2.69 42.20
C GLY B 96 -16.14 -2.64 40.69
N ASP B 97 -15.79 -1.55 40.02
CA ASP B 97 -15.80 -1.52 38.53
C ASP B 97 -14.98 -2.65 37.85
N LEU B 98 -15.50 -3.23 36.76
CA LEU B 98 -14.70 -4.13 35.91
C LEU B 98 -14.19 -3.38 34.71
N VAL B 99 -12.90 -3.58 34.40
CA VAL B 99 -12.18 -2.82 33.37
C VAL B 99 -11.37 -3.75 32.42
N TRP B 100 -11.15 -3.29 31.19
CA TRP B 100 -10.17 -3.95 30.36
C TRP B 100 -9.23 -2.93 29.74
N GLY B 101 -7.99 -3.37 29.54
CA GLY B 101 -6.94 -2.57 28.93
C GLY B 101 -5.54 -3.05 29.29
N MET B 102 -4.57 -2.15 29.25
CA MET B 102 -3.19 -2.53 29.56
C MET B 102 -3.02 -2.63 31.06
N THR B 103 -2.38 -3.71 31.50
CA THR B 103 -2.16 -3.95 32.92
C THR B 103 -0.86 -4.75 33.10
N GLY B 104 -0.47 -5.01 34.34
CA GLY B 104 0.70 -5.83 34.58
C GLY B 104 0.44 -7.33 34.66
N TRP B 105 1.48 -8.14 34.38
CA TRP B 105 1.43 -9.57 34.54
C TRP B 105 1.75 -9.92 36.00
N GLU B 106 0.72 -9.79 36.85
CA GLU B 106 0.84 -9.84 38.31
C GLU B 106 -0.57 -9.90 38.87
N GLU B 107 -0.69 -10.20 40.17
CA GLU B 107 -2.03 -10.32 40.71
C GLU B 107 -2.68 -8.94 40.90
N TYR B 108 -1.88 -7.90 41.14
CA TYR B 108 -2.42 -6.55 41.37
C TYR B 108 -1.57 -5.53 40.68
N SER B 109 -2.18 -4.61 39.96
CA SER B 109 -1.39 -3.57 39.28
C SER B 109 -1.83 -2.17 39.68
N ILE B 110 -0.91 -1.22 39.59
CA ILE B 110 -1.30 0.19 39.73
C ILE B 110 -1.22 0.78 38.33
N ILE B 111 -2.35 1.20 37.79
CA ILE B 111 -2.45 1.64 36.41
C ILE B 111 -2.49 3.18 36.38
N THR B 112 -1.57 3.78 35.61
CA THR B 112 -1.56 5.23 35.39
C THR B 112 -2.36 5.54 34.11
N PRO B 113 -2.70 6.82 33.89
CA PRO B 113 -3.51 7.21 32.73
C PRO B 113 -2.97 6.69 31.37
N LEU B 117 -7.78 2.17 28.98
CA LEU B 117 -8.58 1.57 30.06
C LEU B 117 -10.08 1.81 29.88
N PHE B 118 -10.83 0.73 29.72
CA PHE B 118 -12.26 0.78 29.41
C PHE B 118 -13.06 0.15 30.54
N LYS B 119 -14.14 0.82 30.90
CA LYS B 119 -15.01 0.24 31.89
C LYS B 119 -15.92 -0.80 31.25
N ILE B 120 -16.10 -1.95 31.87
CA ILE B 120 -16.96 -2.97 31.32
C ILE B 120 -18.40 -2.76 31.83
N HIS B 121 -19.34 -2.64 30.90
CA HIS B 121 -20.76 -2.41 31.28
C HIS B 121 -21.62 -3.67 31.18
N ASP B 122 -21.30 -4.54 30.24
CA ASP B 122 -22.07 -5.77 30.02
C ASP B 122 -21.39 -7.00 30.63
N LYS B 123 -21.99 -7.55 31.68
CA LYS B 123 -21.44 -8.78 32.31
C LYS B 123 -22.19 -10.07 32.00
N ASP B 124 -23.26 -9.99 31.21
CA ASP B 124 -23.93 -11.21 30.74
C ASP B 124 -22.96 -12.12 29.97
N VAL B 125 -21.99 -11.51 29.27
CA VAL B 125 -20.98 -12.28 28.57
C VAL B 125 -19.84 -12.68 29.50
N PRO B 126 -19.18 -13.82 29.23
CA PRO B 126 -17.97 -14.17 29.99
C PRO B 126 -16.95 -13.05 29.92
N LEU B 127 -16.32 -12.78 31.05
CA LEU B 127 -15.35 -11.72 31.16
C LEU B 127 -14.13 -11.93 30.29
N SER B 128 -13.72 -13.19 30.11
CA SER B 128 -12.62 -13.55 29.25
C SER B 128 -12.74 -12.96 27.81
N TYR B 129 -13.95 -12.69 27.36
CA TYR B 129 -14.19 -12.11 26.02
C TYR B 129 -13.56 -10.71 25.87
N TYR B 130 -13.31 -10.02 26.99
CA TYR B 130 -12.76 -8.69 26.95
C TYR B 130 -11.25 -8.73 26.71
N THR B 131 -10.71 -9.93 26.48
CA THR B 131 -9.35 -10.10 25.92
C THR B 131 -9.31 -10.49 24.40
N GLY B 132 -10.49 -10.67 23.81
CA GLY B 132 -10.63 -11.17 22.46
C GLY B 132 -11.71 -10.38 21.76
N ILE B 133 -12.85 -11.01 21.54
CA ILE B 133 -13.89 -10.44 20.72
C ILE B 133 -14.37 -9.07 21.21
N LEU B 134 -14.40 -8.87 22.54
CA LEU B 134 -14.87 -7.61 23.08
C LEU B 134 -13.70 -6.69 23.50
N GLY B 135 -12.50 -7.16 23.23
CA GLY B 135 -11.31 -6.41 23.56
C GLY B 135 -10.54 -6.00 22.32
N MET B 136 -9.23 -5.84 22.49
CA MET B 136 -8.37 -5.39 21.41
C MET B 136 -8.46 -6.26 20.10
N PRO B 137 -8.44 -7.60 20.23
CA PRO B 137 -8.50 -8.38 18.97
C PRO B 137 -9.77 -8.16 18.15
N GLY B 138 -10.91 -8.04 18.84
CA GLY B 138 -12.20 -7.69 18.18
C GLY B 138 -12.21 -6.31 17.56
N MET B 139 -11.76 -5.31 18.31
CA MET B 139 -11.62 -3.96 17.78
C MET B 139 -10.64 -3.89 16.56
N THR B 140 -9.60 -4.72 16.60
CA THR B 140 -8.63 -4.78 15.52
C THR B 140 -9.26 -5.34 14.23
N ALA B 141 -10.02 -6.43 14.37
CA ALA B 141 -10.72 -7.03 13.25
C ALA B 141 -11.75 -6.06 12.65
N TYR B 142 -12.50 -5.38 13.52
CA TYR B 142 -13.51 -4.43 13.11
C TYR B 142 -12.86 -3.22 12.41
N ALA B 143 -11.83 -2.64 13.02
CA ALA B 143 -11.11 -1.52 12.40
C ALA B 143 -10.56 -1.88 11.01
N GLY B 144 -9.87 -3.02 10.91
CA GLY B 144 -9.19 -3.41 9.65
C GLY B 144 -10.17 -3.79 8.57
N PHE B 145 -11.14 -4.62 8.96
CA PHE B 145 -12.08 -5.14 8.02
C PHE B 145 -13.18 -4.15 7.70
N HIS B 146 -13.96 -3.74 8.70
CA HIS B 146 -15.05 -2.81 8.47
C HIS B 146 -14.62 -1.38 8.06
N GLU B 147 -13.57 -0.84 8.64
CA GLU B 147 -13.24 0.57 8.42
C GLU B 147 -12.27 0.75 7.27
N VAL B 148 -11.21 -0.07 7.26
CA VAL B 148 -10.14 0.11 6.30
C VAL B 148 -10.45 -0.54 4.95
N CYS B 149 -11.14 -1.69 4.92
CA CYS B 149 -11.37 -2.34 3.64
C CYS B 149 -12.64 -1.90 2.93
N SER B 150 -13.47 -1.14 3.62
CA SER B 150 -14.81 -0.79 3.17
C SER B 150 -15.42 -1.93 2.35
N PRO B 151 -15.79 -3.03 3.00
CA PRO B 151 -16.21 -4.23 2.30
C PRO B 151 -17.65 -4.12 1.78
N LYS B 152 -17.95 -4.83 0.70
CA LYS B 152 -19.33 -4.84 0.24
C LYS B 152 -19.83 -6.28 0.10
N LYS B 153 -21.12 -6.47 0.32
CA LYS B 153 -21.73 -7.77 0.24
C LYS B 153 -21.34 -8.44 -1.08
N GLY B 154 -20.99 -9.72 -1.03
CA GLY B 154 -20.58 -10.42 -2.24
C GLY B 154 -19.10 -10.32 -2.63
N GLU B 155 -18.32 -9.44 -1.99
CA GLU B 155 -16.88 -9.39 -2.29
C GLU B 155 -16.13 -10.62 -1.82
N THR B 156 -15.01 -10.91 -2.47
CA THR B 156 -14.22 -12.05 -2.03
C THR B 156 -13.13 -11.58 -1.07
N VAL B 157 -12.93 -12.36 -0.02
CA VAL B 157 -12.09 -11.99 1.10
C VAL B 157 -11.11 -13.15 1.43
N PHE B 158 -9.83 -12.78 1.52
CA PHE B 158 -8.76 -13.67 2.01
C PHE B 158 -8.17 -13.14 3.33
N VAL B 159 -7.99 -14.06 4.30
CA VAL B 159 -7.42 -13.74 5.63
C VAL B 159 -6.23 -14.67 5.85
N SER B 160 -5.04 -14.11 6.07
CA SER B 160 -3.89 -14.92 6.49
C SER B 160 -3.82 -15.00 8.02
N ALA B 161 -3.09 -15.97 8.59
CA ALA B 161 -3.17 -16.32 10.02
C ALA B 161 -4.61 -16.32 10.49
N ALA B 162 -5.47 -17.01 9.74
CA ALA B 162 -6.90 -16.90 9.95
C ALA B 162 -7.43 -17.54 11.25
N SER B 163 -6.63 -18.39 11.88
CA SER B 163 -7.08 -19.06 13.09
C SER B 163 -6.67 -18.25 14.32
N GLY B 164 -5.94 -17.14 14.11
CA GLY B 164 -5.63 -16.21 15.18
C GLY B 164 -6.86 -15.53 15.78
N ALA B 165 -6.66 -14.95 16.94
CA ALA B 165 -7.67 -14.12 17.62
C ALA B 165 -8.32 -13.06 16.70
N VAL B 166 -7.49 -12.41 15.89
CA VAL B 166 -7.99 -11.40 14.95
C VAL B 166 -8.63 -12.01 13.71
N GLY B 167 -7.89 -12.89 13.06
CA GLY B 167 -8.32 -13.49 11.79
C GLY B 167 -9.65 -14.22 11.90
N GLN B 168 -9.87 -14.92 13.02
CA GLN B 168 -11.08 -15.73 13.15
C GLN B 168 -12.32 -14.81 13.20
N LEU B 169 -12.14 -13.61 13.74
CA LEU B 169 -13.21 -12.62 13.77
C LEU B 169 -13.43 -11.97 12.41
N VAL B 170 -12.33 -11.58 11.76
CA VAL B 170 -12.43 -10.98 10.44
C VAL B 170 -13.26 -11.90 9.54
N GLY B 171 -12.95 -13.19 9.53
CA GLY B 171 -13.68 -14.13 8.69
C GLY B 171 -15.19 -14.20 8.99
N GLN B 172 -15.54 -14.25 10.27
CA GLN B 172 -16.97 -14.25 10.67
C GLN B 172 -17.64 -12.91 10.35
N PHE B 173 -16.92 -11.80 10.45
CA PHE B 173 -17.53 -10.49 10.11
C PHE B 173 -17.78 -10.42 8.61
N ALA B 174 -16.87 -11.01 7.85
CA ALA B 174 -17.00 -11.03 6.39
C ALA B 174 -18.23 -11.88 5.98
N LYS B 175 -18.42 -13.02 6.64
CA LYS B 175 -19.56 -13.89 6.39
C LYS B 175 -20.88 -13.19 6.69
N MET B 176 -20.92 -12.56 7.86
CA MET B 176 -22.08 -11.77 8.30
C MET B 176 -22.49 -10.73 7.27
N LEU B 177 -21.51 -10.21 6.54
CA LEU B 177 -21.78 -9.25 5.47
C LEU B 177 -22.20 -9.87 4.13
N GLY B 178 -22.03 -11.17 3.97
CA GLY B 178 -22.43 -11.85 2.71
C GLY B 178 -21.24 -12.02 1.76
N CYS B 179 -20.02 -11.98 2.32
CA CYS B 179 -18.81 -12.14 1.53
C CYS B 179 -18.45 -13.63 1.44
N TYR B 180 -17.68 -13.97 0.41
CA TYR B 180 -17.05 -15.27 0.23
C TYR B 180 -15.69 -15.19 0.92
N VAL B 181 -15.39 -16.13 1.82
CA VAL B 181 -14.25 -15.96 2.72
C VAL B 181 -13.34 -17.19 2.77
N VAL B 182 -12.04 -16.98 2.56
CA VAL B 182 -11.06 -18.04 2.63
C VAL B 182 -9.96 -17.68 3.59
N GLY B 183 -9.48 -18.68 4.36
CA GLY B 183 -8.51 -18.46 5.39
C GLY B 183 -7.28 -19.33 5.19
N SER B 184 -6.14 -18.85 5.68
CA SER B 184 -4.91 -19.59 5.60
C SER B 184 -4.53 -19.93 7.04
N ALA B 185 -3.99 -21.13 7.25
CA ALA B 185 -3.59 -21.54 8.60
C ALA B 185 -2.48 -22.62 8.51
N GLY B 186 -1.90 -22.99 9.66
CA GLY B 186 -0.67 -23.77 9.64
C GLY B 186 -0.77 -25.23 10.04
N SER B 187 -1.98 -25.76 10.20
CA SER B 187 -2.17 -27.18 10.53
C SER B 187 -3.50 -27.63 9.99
N LYS B 188 -3.63 -28.96 9.82
CA LYS B 188 -4.89 -29.62 9.45
C LYS B 188 -6.03 -29.23 10.41
N GLU B 189 -5.74 -29.29 11.70
CA GLU B 189 -6.72 -28.99 12.76
C GLU B 189 -7.19 -27.52 12.74
N LYS B 190 -6.30 -26.58 12.42
CA LYS B 190 -6.75 -25.18 12.31
C LYS B 190 -7.66 -24.97 11.08
N VAL B 191 -7.27 -25.58 9.97
CA VAL B 191 -8.03 -25.55 8.71
C VAL B 191 -9.47 -26.06 8.91
N ASP B 192 -9.61 -27.25 9.53
CA ASP B 192 -10.91 -27.82 9.86
C ASP B 192 -11.69 -26.93 10.81
N LEU B 193 -11.04 -26.40 11.85
CA LEU B 193 -11.71 -25.39 12.71
C LEU B 193 -12.26 -24.21 11.89
N LEU B 194 -11.45 -23.69 10.95
CA LEU B 194 -11.87 -22.54 10.14
C LEU B 194 -13.17 -22.81 9.39
N LYS B 195 -13.24 -23.95 8.70
CA LYS B 195 -14.46 -24.37 7.98
C LYS B 195 -15.58 -24.86 8.88
N SER B 196 -15.27 -25.67 9.88
CA SER B 196 -16.33 -26.33 10.68
C SER B 196 -16.86 -25.53 11.87
N LYS B 197 -16.05 -24.67 12.48
CA LYS B 197 -16.49 -23.87 13.62
C LYS B 197 -16.76 -22.41 13.22
N PHE B 198 -15.86 -21.83 12.42
CA PHE B 198 -15.94 -20.40 12.13
C PHE B 198 -16.70 -20.02 10.84
N GLY B 199 -17.08 -21.01 10.04
CA GLY B 199 -17.87 -20.76 8.83
C GLY B 199 -17.20 -20.10 7.62
N PHE B 200 -15.87 -20.17 7.57
CA PHE B 200 -15.11 -19.78 6.39
C PHE B 200 -15.60 -20.70 5.26
N ASP B 201 -15.76 -20.15 4.06
CA ASP B 201 -16.21 -20.95 2.94
C ASP B 201 -15.15 -21.99 2.56
N GLU B 202 -13.88 -21.61 2.64
CA GLU B 202 -12.78 -22.50 2.36
C GLU B 202 -11.59 -22.12 3.23
N ALA B 203 -10.68 -23.07 3.44
CA ALA B 203 -9.40 -22.78 4.08
C ALA B 203 -8.32 -23.74 3.61
N PHE B 204 -7.06 -23.38 3.83
CA PHE B 204 -5.95 -24.21 3.36
C PHE B 204 -4.73 -24.05 4.25
N ASN B 205 -3.91 -25.10 4.28
CA ASN B 205 -2.71 -25.16 5.08
C ASN B 205 -1.60 -24.62 4.20
N TYR B 206 -1.06 -23.44 4.52
CA TYR B 206 -0.11 -22.79 3.59
C TYR B 206 1.17 -23.63 3.53
N LYS B 207 1.39 -24.40 4.58
CA LYS B 207 2.59 -25.26 4.71
C LYS B 207 2.58 -26.39 3.70
N GLU B 208 1.40 -26.86 3.32
CA GLU B 208 1.28 -28.01 2.39
C GLU B 208 1.36 -27.56 0.92
N GLU B 209 1.27 -26.25 0.67
CA GLU B 209 1.29 -25.73 -0.70
C GLU B 209 2.72 -25.45 -1.17
N GLN B 210 3.10 -25.95 -2.36
CA GLN B 210 4.39 -25.61 -2.97
C GLN B 210 4.37 -24.25 -3.69
N ASP B 211 3.15 -23.82 -4.05
CA ASP B 211 2.96 -22.62 -4.85
C ASP B 211 1.75 -21.82 -4.35
N LEU B 212 2.03 -20.83 -3.50
CA LEU B 212 0.96 -20.06 -2.85
C LEU B 212 0.04 -19.34 -3.83
N SER B 213 0.62 -18.76 -4.88
CA SER B 213 -0.16 -18.09 -5.95
C SER B 213 -1.11 -19.05 -6.63
N ALA B 214 -0.61 -20.23 -7.03
CA ALA B 214 -1.47 -21.29 -7.56
C ALA B 214 -2.58 -21.64 -6.57
N ALA B 215 -2.27 -21.77 -5.29
CA ALA B 215 -3.28 -22.20 -4.33
C ALA B 215 -4.39 -21.14 -4.19
N LEU B 216 -4.00 -19.86 -4.22
CA LEU B 216 -4.98 -18.75 -4.10
C LEU B 216 -5.86 -18.72 -5.34
N LYS B 217 -5.26 -18.98 -6.50
CA LYS B 217 -6.03 -19.08 -7.74
C LYS B 217 -7.13 -20.16 -7.74
N ARG B 218 -6.84 -21.33 -7.16
CA ARG B 218 -7.82 -22.40 -6.96
C ARG B 218 -9.06 -21.99 -6.12
N TYR B 219 -8.83 -21.28 -5.02
CA TYR B 219 -9.89 -20.76 -4.16
C TYR B 219 -10.50 -19.44 -4.64
N PHE B 220 -9.77 -18.68 -5.46
CA PHE B 220 -10.30 -17.41 -6.01
C PHE B 220 -10.14 -17.37 -7.53
N PRO B 221 -11.02 -18.08 -8.26
CA PRO B 221 -10.93 -18.11 -9.71
C PRO B 221 -11.11 -16.72 -10.36
N ASP B 222 -11.89 -15.83 -9.73
CA ASP B 222 -12.07 -14.47 -10.27
C ASP B 222 -11.27 -13.39 -9.51
N GLY B 223 -10.38 -13.81 -8.62
CA GLY B 223 -9.53 -12.90 -7.84
C GLY B 223 -10.07 -12.52 -6.47
N ILE B 224 -9.25 -11.81 -5.70
CA ILE B 224 -9.50 -11.43 -4.31
C ILE B 224 -9.83 -9.93 -4.28
N ASP B 225 -11.00 -9.56 -3.75
CA ASP B 225 -11.32 -8.11 -3.52
C ASP B 225 -10.56 -7.54 -2.32
N ILE B 226 -10.48 -8.34 -1.24
CA ILE B 226 -9.99 -7.86 0.04
C ILE B 226 -9.02 -8.87 0.67
N TYR B 227 -7.83 -8.39 1.01
CA TYR B 227 -6.90 -9.22 1.81
C TYR B 227 -6.75 -8.61 3.18
N PHE B 228 -7.04 -9.39 4.22
CA PHE B 228 -6.73 -8.99 5.60
C PHE B 228 -5.34 -9.57 5.87
N GLU B 229 -4.35 -8.70 5.92
CA GLU B 229 -2.93 -9.09 5.91
C GLU B 229 -2.43 -9.22 7.36
N ASN B 230 -2.09 -10.44 7.75
CA ASN B 230 -1.43 -10.68 9.05
C ASN B 230 -0.03 -11.19 8.89
N VAL B 231 0.44 -11.34 7.65
CA VAL B 231 1.65 -12.18 7.45
C VAL B 231 2.82 -11.54 6.68
N GLY B 232 2.53 -10.99 5.50
CA GLY B 232 3.56 -10.36 4.65
C GLY B 232 4.38 -11.32 3.80
N GLY B 233 5.50 -10.82 3.27
CA GLY B 233 6.47 -11.62 2.54
C GLY B 233 5.93 -12.40 1.35
N LYS B 234 6.30 -13.66 1.26
CA LYS B 234 5.80 -14.57 0.23
C LYS B 234 4.27 -14.71 0.16
N MET B 235 3.57 -14.72 1.29
CA MET B 235 2.09 -14.75 1.25
C MET B 235 1.51 -13.49 0.55
N LEU B 236 2.11 -12.33 0.83
CA LEU B 236 1.65 -11.09 0.20
C LEU B 236 1.89 -11.15 -1.29
N ASP B 237 3.07 -11.60 -1.69
CA ASP B 237 3.37 -11.76 -3.12
C ASP B 237 2.34 -12.63 -3.84
N ALA B 238 1.93 -13.71 -3.19
CA ALA B 238 0.93 -14.58 -3.76
C ALA B 238 -0.41 -13.89 -3.83
N VAL B 239 -0.79 -13.11 -2.81
CA VAL B 239 -2.06 -12.35 -2.82
C VAL B 239 -2.04 -11.30 -3.98
N LEU B 240 -0.93 -10.58 -4.12
CA LEU B 240 -0.82 -9.45 -5.08
C LEU B 240 -1.23 -9.82 -6.52
N VAL B 241 -0.74 -10.97 -6.99
CA VAL B 241 -1.03 -11.43 -8.34
C VAL B 241 -2.43 -12.02 -8.48
N ASN B 242 -3.08 -12.33 -7.35
CA ASN B 242 -4.47 -12.75 -7.35
C ASN B 242 -5.53 -11.67 -7.04
N MET B 243 -5.14 -10.41 -6.86
CA MET B 243 -6.11 -9.37 -6.49
C MET B 243 -6.96 -8.91 -7.66
N LYS B 244 -8.21 -8.57 -7.38
CA LYS B 244 -9.10 -7.99 -8.39
C LYS B 244 -8.71 -6.53 -8.53
N LEU B 245 -9.12 -5.92 -9.64
CA LEU B 245 -9.06 -4.44 -9.81
C LEU B 245 -9.68 -3.71 -8.63
N TYR B 246 -9.04 -2.65 -8.15
CA TYR B 246 -9.54 -1.82 -7.01
C TYR B 246 -9.54 -2.61 -5.67
N GLY B 247 -8.82 -3.73 -5.66
CA GLY B 247 -8.66 -4.53 -4.47
C GLY B 247 -8.13 -3.75 -3.28
N ARG B 248 -8.45 -4.19 -2.07
CA ARG B 248 -7.98 -3.46 -0.90
C ARG B 248 -7.21 -4.40 0.03
N ILE B 249 -6.13 -3.90 0.63
CA ILE B 249 -5.33 -4.73 1.54
C ILE B 249 -5.22 -3.96 2.83
N ALA B 250 -5.75 -4.53 3.90
CA ALA B 250 -5.54 -3.97 5.26
C ALA B 250 -4.36 -4.60 5.95
N VAL B 251 -3.33 -3.78 6.24
CA VAL B 251 -2.06 -4.34 6.69
C VAL B 251 -2.11 -4.26 8.19
N CYS B 252 -2.38 -5.40 8.82
CA CYS B 252 -2.59 -5.45 10.27
C CYS B 252 -1.31 -5.95 10.98
N GLY B 253 -0.73 -6.99 10.43
CA GLY B 253 0.47 -7.57 11.01
C GLY B 253 1.29 -8.23 9.94
N MET B 254 2.56 -8.49 10.26
CA MET B 254 3.53 -9.08 9.35
C MET B 254 4.55 -9.86 10.18
N ILE B 255 5.08 -10.96 9.67
CA ILE B 255 5.89 -11.85 10.51
C ILE B 255 7.44 -11.65 10.50
N GLU B 264 10.92 -12.11 4.11
CA GLU B 264 11.36 -12.30 2.74
C GLU B 264 10.98 -11.04 1.97
N GLY B 265 11.79 -10.64 0.99
CA GLY B 265 11.49 -9.43 0.22
C GLY B 265 10.21 -9.62 -0.56
N VAL B 266 9.44 -8.55 -0.73
CA VAL B 266 8.20 -8.57 -1.52
C VAL B 266 8.50 -8.06 -2.95
N HIS B 267 8.16 -8.86 -3.95
CA HIS B 267 8.62 -8.66 -5.33
C HIS B 267 7.51 -8.12 -6.29
N ASN B 268 6.27 -8.29 -5.88
CA ASN B 268 5.14 -8.10 -6.80
C ASN B 268 4.41 -6.77 -6.62
N LEU B 269 5.07 -5.76 -6.08
CA LEU B 269 4.34 -4.52 -5.78
C LEU B 269 3.90 -3.77 -7.05
N PHE B 270 4.51 -4.05 -8.20
CA PHE B 270 4.01 -3.46 -9.46
C PHE B 270 2.52 -3.77 -9.67
N CYS B 271 2.01 -4.86 -9.06
CA CYS B 271 0.58 -5.19 -9.13
C CYS B 271 -0.32 -4.09 -8.51
N LEU B 272 0.22 -3.31 -7.55
CA LEU B 272 -0.55 -2.18 -6.97
C LEU B 272 -0.97 -1.21 -8.11
N ILE B 273 -0.12 -1.08 -9.12
CA ILE B 273 -0.39 -0.12 -10.21
C ILE B 273 -1.41 -0.66 -11.22
N THR B 274 -1.10 -1.82 -11.80
CA THR B 274 -1.96 -2.44 -12.80
C THR B 274 -3.33 -2.77 -12.25
N LYS B 275 -3.42 -3.07 -10.95
CA LYS B 275 -4.72 -3.43 -10.36
C LYS B 275 -5.30 -2.27 -9.53
N ARG B 276 -4.55 -1.17 -9.46
CA ARG B 276 -4.99 -0.01 -8.68
C ARG B 276 -5.42 -0.44 -7.25
N ILE B 277 -4.50 -1.10 -6.56
CA ILE B 277 -4.78 -1.61 -5.21
C ILE B 277 -4.47 -0.55 -4.15
N ARG B 278 -5.33 -0.43 -3.13
CA ARG B 278 -5.05 0.40 -1.98
C ARG B 278 -4.57 -0.56 -0.87
N MET B 279 -3.30 -0.39 -0.47
CA MET B 279 -2.71 -1.17 0.61
C MET B 279 -2.43 -0.25 1.82
N GLU B 280 -3.08 -0.51 2.95
CA GLU B 280 -3.15 0.51 4.01
C GLU B 280 -2.94 -0.06 5.39
N GLY B 281 -1.92 0.41 6.11
CA GLY B 281 -1.65 -0.09 7.48
C GLY B 281 -2.52 0.72 8.47
N PHE B 282 -2.77 0.16 9.67
CA PHE B 282 -3.57 0.85 10.66
C PHE B 282 -3.16 0.30 12.01
N LEU B 283 -3.43 1.06 13.07
CA LEU B 283 -3.26 0.55 14.42
C LEU B 283 -4.58 0.71 15.17
N VAL B 284 -4.97 -0.34 15.88
CA VAL B 284 -6.27 -0.41 16.54
C VAL B 284 -6.48 0.77 17.51
N PHE B 285 -5.41 1.15 18.20
CA PHE B 285 -5.60 2.22 19.15
C PHE B 285 -6.04 3.55 18.60
N ASP B 286 -5.87 3.78 17.28
CA ASP B 286 -6.46 4.95 16.59
C ASP B 286 -8.00 4.92 16.43
N TYR B 287 -8.60 3.75 16.65
CA TYR B 287 -10.03 3.55 16.40
C TYR B 287 -10.86 3.32 17.67
N TYR B 288 -10.24 3.47 18.84
CA TYR B 288 -10.94 3.19 20.08
C TYR B 288 -12.13 4.12 20.33
N HIS B 289 -12.11 5.33 19.76
CA HIS B 289 -13.28 6.21 19.77
C HIS B 289 -14.49 5.57 19.05
N LEU B 290 -14.30 4.49 18.31
CA LEU B 290 -15.42 3.79 17.67
C LEU B 290 -15.89 2.52 18.46
N TYR B 291 -15.27 2.27 19.61
CA TYR B 291 -15.54 1.04 20.38
C TYR B 291 -17.01 0.84 20.82
N PRO B 292 -17.69 1.90 21.30
CA PRO B 292 -19.12 1.75 21.59
C PRO B 292 -19.93 1.25 20.38
N LYS B 293 -19.64 1.80 19.21
CA LYS B 293 -20.31 1.41 17.96
C LYS B 293 -19.88 0.01 17.50
N TYR B 294 -18.70 -0.45 17.92
CA TYR B 294 -18.36 -1.84 17.72
C TYR B 294 -19.20 -2.72 18.66
N LEU B 295 -19.29 -2.36 19.94
CA LEU B 295 -20.06 -3.15 20.90
C LEU B 295 -21.54 -3.28 20.49
N GLU B 296 -22.08 -2.25 19.85
CA GLU B 296 -23.48 -2.29 19.45
C GLU B 296 -23.69 -3.29 18.31
N MET B 297 -22.71 -3.42 17.42
CA MET B 297 -22.78 -4.40 16.33
C MET B 297 -22.56 -5.83 16.86
N VAL B 298 -21.52 -6.05 17.67
CA VAL B 298 -21.13 -7.42 17.98
C VAL B 298 -21.85 -8.11 19.20
N ILE B 299 -22.22 -7.33 20.22
CA ILE B 299 -22.89 -7.90 21.41
C ILE B 299 -24.17 -8.70 21.05
N PRO B 300 -25.09 -8.10 20.25
CA PRO B 300 -26.26 -8.93 19.95
C PRO B 300 -25.91 -10.21 19.17
N GLN B 301 -24.96 -10.12 18.23
CA GLN B 301 -24.50 -11.26 17.44
C GLN B 301 -24.03 -12.37 18.34
N ILE B 302 -23.31 -12.01 19.40
CA ILE B 302 -22.84 -12.97 20.40
C ILE B 302 -24.03 -13.64 21.08
N LYS B 303 -25.07 -12.86 21.35
CA LYS B 303 -26.25 -13.34 22.08
C LYS B 303 -27.07 -14.31 21.23
N ALA B 304 -27.37 -13.89 20.01
CA ALA B 304 -28.02 -14.72 19.00
C ALA B 304 -27.15 -15.89 18.51
N GLY B 305 -26.08 -16.22 19.26
CA GLY B 305 -25.11 -17.25 18.89
C GLY B 305 -24.60 -17.17 17.45
N LYS B 306 -24.57 -15.97 16.89
CA LYS B 306 -24.25 -15.80 15.47
C LYS B 306 -22.76 -15.53 15.20
N VAL B 307 -22.02 -15.17 16.25
CA VAL B 307 -20.56 -15.01 16.20
C VAL B 307 -19.99 -15.83 17.34
N VAL B 308 -19.20 -16.86 17.00
CA VAL B 308 -18.58 -17.79 17.95
C VAL B 308 -17.12 -17.43 18.23
N TYR B 309 -16.59 -17.99 19.33
CA TYR B 309 -15.24 -17.73 19.82
C TYR B 309 -14.75 -18.93 20.69
N VAL B 310 -13.50 -19.35 20.46
CA VAL B 310 -12.83 -20.53 21.01
C VAL B 310 -11.55 -19.99 21.68
N GLU B 311 -11.11 -20.58 22.79
CA GLU B 311 -9.92 -20.03 23.44
C GLU B 311 -9.26 -21.02 24.34
N ASP B 312 -7.95 -20.92 24.45
CA ASP B 312 -7.27 -21.76 25.41
C ASP B 312 -7.10 -20.93 26.69
N VAL B 313 -7.54 -21.45 27.81
CA VAL B 313 -7.45 -20.76 29.09
C VAL B 313 -6.41 -21.46 29.98
N ALA B 314 -5.28 -20.79 30.22
CA ALA B 314 -4.24 -21.35 31.14
C ALA B 314 -4.55 -20.83 32.55
N HIS B 315 -4.34 -21.64 33.59
CA HIS B 315 -4.79 -21.25 34.92
C HIS B 315 -3.64 -20.92 35.88
N GLY B 316 -3.65 -19.70 36.42
CA GLY B 316 -2.65 -19.25 37.37
C GLY B 316 -1.49 -18.53 36.67
N LEU B 317 -0.91 -17.56 37.37
CA LEU B 317 0.29 -16.86 36.82
C LEU B 317 1.46 -17.76 36.55
N GLU B 318 1.63 -18.80 37.35
CA GLU B 318 2.70 -19.78 37.18
CA GLU B 318 2.75 -19.69 37.13
C GLU B 318 2.66 -20.46 35.80
N SER B 319 1.47 -20.54 35.19
CA SER B 319 1.35 -21.12 33.86
CA SER B 319 1.33 -21.12 33.86
C SER B 319 1.54 -20.07 32.75
N ALA B 320 1.72 -18.81 33.14
CA ALA B 320 1.74 -17.75 32.12
C ALA B 320 3.00 -17.77 31.23
N PRO B 321 4.19 -18.04 31.81
CA PRO B 321 5.32 -18.11 30.87
C PRO B 321 5.15 -19.15 29.77
N THR B 322 4.69 -20.36 30.12
CA THR B 322 4.43 -21.43 29.16
C THR B 322 3.41 -21.03 28.09
N ALA B 323 2.31 -20.43 28.55
CA ALA B 323 1.21 -20.00 27.71
C ALA B 323 1.71 -18.97 26.67
N LEU B 324 2.56 -18.05 27.11
CA LEU B 324 3.07 -17.02 26.21
C LEU B 324 4.01 -17.63 25.15
N VAL B 325 5.00 -18.41 25.59
CA VAL B 325 5.88 -19.16 24.67
C VAL B 325 5.09 -20.09 23.72
N GLY B 326 4.06 -20.75 24.25
CA GLY B 326 3.16 -21.58 23.43
C GLY B 326 2.47 -20.79 22.32
N LEU B 327 2.03 -19.57 22.63
CA LEU B 327 1.34 -18.74 21.63
C LEU B 327 2.33 -18.34 20.52
N PHE B 328 3.45 -17.74 20.94
CA PHE B 328 4.53 -17.36 20.01
C PHE B 328 4.90 -18.51 19.08
N SER B 329 4.81 -19.74 19.60
CA SER B 329 5.18 -20.97 18.88
C SER B 329 4.12 -21.49 17.90
N GLY B 330 2.90 -20.98 17.99
CA GLY B 330 1.77 -21.50 17.21
C GLY B 330 1.30 -22.86 17.71
N ARG B 331 1.60 -23.18 18.97
CA ARG B 331 1.28 -24.49 19.59
C ARG B 331 -0.13 -24.53 20.20
N ASN B 332 -1.01 -23.64 19.82
CA ASN B 332 -2.35 -23.61 20.39
C ASN B 332 -3.43 -23.23 19.37
N ILE B 333 -4.68 -23.60 19.66
CA ILE B 333 -5.81 -23.27 18.77
C ILE B 333 -6.56 -22.03 19.29
N GLY B 334 -6.67 -21.03 18.43
CA GLY B 334 -7.31 -19.75 18.80
C GLY B 334 -6.57 -18.88 19.84
N LYS B 335 -7.38 -18.04 20.51
CA LYS B 335 -6.92 -17.01 21.43
CA LYS B 335 -6.91 -17.01 21.42
C LYS B 335 -6.32 -17.68 22.67
N GLN B 336 -5.17 -17.22 23.12
CA GLN B 336 -4.62 -17.80 24.34
C GLN B 336 -4.86 -16.78 25.42
N VAL B 337 -5.36 -17.21 26.58
CA VAL B 337 -5.55 -16.31 27.71
C VAL B 337 -5.03 -16.99 28.97
N VAL B 338 -4.75 -16.19 30.00
CA VAL B 338 -4.32 -16.73 31.31
C VAL B 338 -5.35 -16.27 32.32
N MET B 339 -5.94 -17.18 33.07
CA MET B 339 -6.79 -16.75 34.14
C MET B 339 -5.90 -16.61 35.37
N VAL B 340 -5.83 -15.40 35.90
CA VAL B 340 -4.96 -15.10 37.04
C VAL B 340 -5.60 -15.63 38.34
N SER B 341 -6.91 -15.43 38.46
CA SER B 341 -7.68 -15.89 39.62
C SER B 341 -9.13 -16.04 39.21
N ARG B 342 -9.86 -16.87 39.96
CA ARG B 342 -11.31 -17.10 39.75
CA ARG B 342 -11.31 -17.09 39.73
C ARG B 342 -12.19 -15.97 40.33
N GLU B 343 -13.52 -16.21 40.35
CA GLU B 343 -14.58 -15.30 40.88
C GLU B 343 -14.96 -14.11 39.97
#